data_4DI1
#
_entry.id   4DI1
#
_cell.length_a   76.870
_cell.length_b   87.500
_cell.length_c   107.390
_cell.angle_alpha   90.000
_cell.angle_beta   90.000
_cell.angle_gamma   90.000
#
_symmetry.space_group_name_H-M   'P 21 21 21'
#
loop_
_entity.id
_entity.type
_entity.pdbx_description
1 polymer 'Enoyl-CoA hydratase EchA17'
2 non-polymer 1,2-ETHANEDIOL
3 water water
#
_entity_poly.entity_id   1
_entity_poly.type   'polypeptide(L)'
_entity_poly.pdbx_seq_one_letter_code
;MAHHHHHHMGTLEAQTQGPGSMNEFVSVVADQGLATLVVSRPPTNAMTRQVYREIVAAADELGRRDDIGAVVLFGGHEIF
SAGDDMPELRTLNAPEADTAARVRLEAIDAVAAIPKPTVAAVTGYALGAGLTLALAADWRVSGDNVKFGATEILAGLIPG
GGGMGRLTRVVGSSRAKELVFSGRFFDAEEALALGLIDDMVAPDDVYDSAVAWARRYLECPPRALAAAKAVINDVFELEA
TERAAAERRRYVELFAAGQRGPDGRGPGGGNTGDQDG
;
_entity_poly.pdbx_strand_id   A,B,C
#
# COMPACT_ATOMS: atom_id res chain seq x y z
N ASN A 23 28.83 -2.92 22.51
CA ASN A 23 30.32 -3.07 22.51
C ASN A 23 30.91 -4.31 21.82
N GLU A 24 30.47 -5.52 22.15
CA GLU A 24 31.15 -6.76 21.70
C GLU A 24 31.01 -7.20 20.20
N PHE A 25 29.84 -7.02 19.60
CA PHE A 25 29.59 -7.48 18.24
C PHE A 25 29.25 -6.36 17.27
N VAL A 26 28.79 -5.24 17.79
CA VAL A 26 28.36 -4.12 16.94
C VAL A 26 29.37 -3.00 17.11
N SER A 27 29.75 -2.37 16.01
CA SER A 27 30.79 -1.36 16.00
C SER A 27 30.34 -0.18 15.14
N VAL A 28 30.81 1.01 15.48
CA VAL A 28 30.49 2.21 14.69
C VAL A 28 31.78 2.79 14.20
N VAL A 29 31.87 2.98 12.90
CA VAL A 29 33.04 3.60 12.29
C VAL A 29 32.61 4.86 11.54
N ALA A 30 33.16 6.00 11.92
CA ALA A 30 32.82 7.29 11.31
C ALA A 30 33.95 7.73 10.35
N ASP A 31 33.58 8.37 9.26
CA ASP A 31 34.56 9.00 8.37
C ASP A 31 33.92 10.12 7.58
N GLN A 32 34.34 11.35 7.87
CA GLN A 32 33.80 12.58 7.34
C GLN A 32 32.35 12.56 7.01
N GLY A 33 31.60 12.41 8.09
CA GLY A 33 30.18 12.56 8.05
C GLY A 33 29.41 11.31 7.79
N LEU A 34 30.09 10.22 7.44
CA LEU A 34 29.42 9.01 7.10
C LEU A 34 29.81 8.00 8.14
N ALA A 35 28.83 7.34 8.74
CA ALA A 35 29.11 6.30 9.72
C ALA A 35 28.71 4.93 9.15
N THR A 36 29.45 3.89 9.52
CA THR A 36 29.09 2.54 9.19
C THR A 36 28.81 1.81 10.49
N LEU A 37 27.61 1.24 10.60
CA LEU A 37 27.27 0.36 11.72
C LEU A 37 27.60 -1.06 11.29
N VAL A 38 28.60 -1.67 11.94
CA VAL A 38 29.14 -2.96 11.56
C VAL A 38 28.71 -4.03 12.56
N VAL A 39 28.05 -5.07 12.07
CA VAL A 39 27.74 -6.23 12.87
C VAL A 39 28.81 -7.26 12.56
N SER A 40 29.49 -7.75 13.60
CA SER A 40 30.49 -8.82 13.47
C SER A 40 30.29 -9.89 14.53
N ARG A 41 29.67 -10.99 14.16
CA ARG A 41 29.55 -12.13 15.04
C ARG A 41 29.64 -13.35 14.15
N PRO A 42 30.86 -13.68 13.69
CA PRO A 42 31.13 -14.79 12.80
C PRO A 42 30.59 -16.13 13.27
N PRO A 43 30.30 -17.01 12.31
CA PRO A 43 30.48 -16.79 10.88
C PRO A 43 29.23 -16.25 10.14
N THR A 44 28.07 -16.14 10.79
CA THR A 44 26.87 -15.72 10.07
C THR A 44 26.23 -14.45 10.54
N ASN A 45 26.89 -13.73 11.43
CA ASN A 45 26.28 -12.58 12.11
C ASN A 45 24.87 -12.87 12.64
N ALA A 46 24.70 -14.07 13.22
CA ALA A 46 23.47 -14.45 13.84
C ALA A 46 23.28 -13.49 15.02
N MET A 47 22.05 -13.02 15.19
CA MET A 47 21.80 -12.03 16.21
C MET A 47 21.17 -12.66 17.44
N THR A 48 21.93 -12.63 18.53
CA THR A 48 21.48 -13.06 19.83
C THR A 48 20.83 -11.87 20.52
N ARG A 49 20.26 -12.12 21.71
CA ARG A 49 19.66 -11.05 22.47
C ARG A 49 20.68 -9.92 22.67
N GLN A 50 21.94 -10.27 22.96
CA GLN A 50 22.96 -9.27 23.19
C GLN A 50 23.22 -8.46 21.93
N VAL A 51 23.32 -9.11 20.76
CA VAL A 51 23.49 -8.37 19.50
C VAL A 51 22.33 -7.37 19.31
N TYR A 52 21.09 -7.74 19.65
CA TYR A 52 19.99 -6.80 19.48
C TYR A 52 20.15 -5.57 20.42
N ARG A 53 20.56 -5.80 21.66
CA ARG A 53 20.79 -4.68 22.59
C ARG A 53 21.86 -3.77 22.03
N GLU A 54 22.91 -4.36 21.47
CA GLU A 54 23.99 -3.59 20.88
C GLU A 54 23.54 -2.84 19.62
N ILE A 55 22.63 -3.41 18.84
CA ILE A 55 22.08 -2.69 17.69
C ILE A 55 21.26 -1.48 18.19
N VAL A 56 20.50 -1.66 19.26
CA VAL A 56 19.72 -0.55 19.79
C VAL A 56 20.63 0.61 20.21
N ALA A 57 21.67 0.32 20.99
CA ALA A 57 22.55 1.37 21.47
C ALA A 57 23.31 2.04 20.32
N ALA A 58 23.84 1.26 19.38
CA ALA A 58 24.54 1.85 18.23
C ALA A 58 23.61 2.75 17.38
N ALA A 59 22.38 2.30 17.15
CA ALA A 59 21.45 3.12 16.35
C ALA A 59 21.08 4.39 17.03
N ASP A 60 20.86 4.34 18.34
CA ASP A 60 20.53 5.57 19.07
C ASP A 60 21.72 6.56 19.03
N GLU A 61 22.92 6.06 19.25
CA GLU A 61 24.11 6.91 19.25
C GLU A 61 24.21 7.62 17.92
N LEU A 62 23.99 6.89 16.83
CA LEU A 62 24.15 7.45 15.49
C LEU A 62 23.16 8.55 15.23
N GLY A 63 21.97 8.38 15.78
CA GLY A 63 20.92 9.38 15.63
C GLY A 63 21.22 10.68 16.32
N ARG A 64 21.92 10.58 17.46
CA ARG A 64 22.28 11.70 18.30
C ARG A 64 23.40 12.55 17.69
N ARG A 65 24.29 11.89 16.97
CA ARG A 65 25.52 12.52 16.49
C ARG A 65 25.28 13.43 15.28
N ASP A 66 25.38 14.74 15.52
CA ASP A 66 25.16 15.73 14.49
C ASP A 66 26.33 15.83 13.50
N ASP A 67 27.51 15.28 13.84
CA ASP A 67 28.60 15.22 12.88
C ASP A 67 28.42 14.06 11.89
N ILE A 68 27.35 13.26 12.01
CA ILE A 68 27.10 12.12 11.13
C ILE A 68 25.87 12.48 10.31
N GLY A 69 26.02 12.48 8.98
CA GLY A 69 24.90 12.81 8.10
C GLY A 69 24.25 11.62 7.41
N ALA A 70 24.82 10.44 7.52
CA ALA A 70 24.26 9.25 6.90
C ALA A 70 24.94 8.00 7.42
N VAL A 71 24.31 6.84 7.24
CA VAL A 71 24.72 5.58 7.84
C VAL A 71 24.68 4.44 6.81
N VAL A 72 25.68 3.56 6.83
CA VAL A 72 25.66 2.32 6.06
C VAL A 72 25.63 1.20 7.06
N LEU A 73 24.70 0.25 6.87
CA LEU A 73 24.64 -0.97 7.71
C LEU A 73 25.41 -2.05 6.98
N PHE A 74 26.28 -2.72 7.71
CA PHE A 74 27.22 -3.66 7.06
C PHE A 74 27.58 -4.81 7.95
N GLY A 75 27.63 -6.02 7.39
CA GLY A 75 28.06 -7.19 8.15
C GLY A 75 29.44 -7.70 7.78
N GLY A 76 30.12 -6.99 6.88
CA GLY A 76 31.43 -7.42 6.37
C GLY A 76 31.22 -7.94 4.95
N HIS A 77 32.31 -8.28 4.28
CA HIS A 77 32.26 -8.67 2.86
CA HIS A 77 32.24 -8.61 2.87
C HIS A 77 31.59 -9.96 2.61
N GLU A 78 31.57 -10.85 3.62
CA GLU A 78 31.05 -12.24 3.46
C GLU A 78 29.55 -12.35 3.71
N ILE A 79 29.03 -11.65 4.71
CA ILE A 79 27.64 -11.83 5.10
C ILE A 79 27.03 -10.63 5.80
N PHE A 80 25.74 -10.40 5.53
CA PHE A 80 24.97 -9.41 6.26
C PHE A 80 24.46 -10.05 7.58
N SER A 81 23.48 -10.94 7.51
CA SER A 81 23.07 -11.75 8.66
C SER A 81 22.19 -12.95 8.28
N ALA A 82 22.44 -14.09 8.89
CA ALA A 82 21.56 -15.27 8.76
C ALA A 82 20.38 -15.24 9.73
N GLY A 83 20.23 -14.16 10.51
CA GLY A 83 19.00 -13.97 11.28
C GLY A 83 19.20 -14.29 12.74
N ASP A 84 18.10 -14.70 13.39
CA ASP A 84 18.12 -14.98 14.84
C ASP A 84 19.08 -16.06 15.15
N ASP A 85 19.75 -15.93 16.30
CA ASP A 85 20.54 -17.04 16.79
C ASP A 85 19.63 -18.12 17.41
N MET A 86 19.29 -19.12 16.59
CA MET A 86 18.38 -20.18 17.02
C MET A 86 18.87 -21.04 18.17
N PRO A 87 20.17 -21.36 18.20
CA PRO A 87 20.57 -22.15 19.38
C PRO A 87 20.33 -21.40 20.68
N GLU A 88 20.57 -20.08 20.72
CA GLU A 88 20.25 -19.31 21.92
C GLU A 88 18.75 -19.48 22.22
N LEU A 89 17.94 -19.28 21.20
CA LEU A 89 16.50 -19.30 21.36
C LEU A 89 16.03 -20.61 21.92
N ARG A 90 16.66 -21.71 21.49
CA ARG A 90 16.21 -23.02 21.99
C ARG A 90 16.47 -23.22 23.48
N THR A 91 17.35 -22.41 24.09
CA THR A 91 17.62 -22.52 25.52
C THR A 91 16.65 -21.68 26.42
N LEU A 92 15.75 -20.92 25.81
CA LEU A 92 14.84 -20.01 26.50
C LEU A 92 13.52 -20.63 26.80
N ASN A 93 12.87 -20.15 27.86
CA ASN A 93 11.48 -20.56 28.09
C ASN A 93 10.58 -19.49 27.45
N ALA A 94 9.27 -19.62 27.60
CA ALA A 94 8.36 -18.77 26.88
C ALA A 94 8.47 -17.30 27.30
N PRO A 95 8.48 -17.02 28.61
CA PRO A 95 8.65 -15.60 28.98
C PRO A 95 9.97 -15.01 28.48
N GLU A 96 11.05 -15.78 28.53
CA GLU A 96 12.30 -15.28 27.99
C GLU A 96 12.19 -15.04 26.48
N ALA A 97 11.52 -15.94 25.76
CA ALA A 97 11.31 -15.76 24.33
C ALA A 97 10.49 -14.51 24.04
N ASP A 98 9.53 -14.22 24.91
CA ASP A 98 8.72 -13.00 24.77
C ASP A 98 9.60 -11.75 24.86
N THR A 99 10.41 -11.70 25.91
CA THR A 99 11.40 -10.63 26.06
C THR A 99 12.39 -10.58 24.90
N ALA A 100 12.87 -11.73 24.43
CA ALA A 100 13.71 -11.75 23.24
C ALA A 100 12.96 -11.12 22.07
N ALA A 101 11.68 -11.44 21.90
CA ALA A 101 10.93 -10.92 20.76
C ALA A 101 10.77 -9.39 20.86
N ARG A 102 10.65 -8.85 22.08
CA ARG A 102 10.52 -7.38 22.26
C ARG A 102 11.83 -6.67 21.95
N VAL A 103 12.94 -7.21 22.40
CA VAL A 103 14.23 -6.59 22.09
C VAL A 103 14.56 -6.70 20.57
N ARG A 104 14.14 -7.77 19.94
CA ARG A 104 14.30 -7.89 18.45
C ARG A 104 13.58 -6.73 17.77
N LEU A 105 12.31 -6.52 18.12
CA LEU A 105 11.56 -5.39 17.59
C LEU A 105 12.23 -4.06 17.89
N GLU A 106 12.62 -3.85 19.16
CA GLU A 106 13.29 -2.62 19.53
CA GLU A 106 13.29 -2.61 19.55
C GLU A 106 14.52 -2.37 18.65
N ALA A 107 15.30 -3.42 18.36
CA ALA A 107 16.47 -3.24 17.49
C ALA A 107 16.09 -2.84 16.04
N ILE A 108 15.12 -3.55 15.46
CA ILE A 108 14.70 -3.26 14.08
C ILE A 108 14.17 -1.82 14.01
N ASP A 109 13.34 -1.47 14.96
CA ASP A 109 12.72 -0.17 14.92
C ASP A 109 13.78 0.92 15.16
N ALA A 110 14.74 0.69 16.03
CA ALA A 110 15.80 1.62 16.33
C ALA A 110 16.55 1.93 15.04
N VAL A 111 16.87 0.90 14.28
CA VAL A 111 17.54 1.13 12.98
C VAL A 111 16.62 1.90 12.00
N ALA A 112 15.34 1.51 11.96
CA ALA A 112 14.39 2.15 11.05
C ALA A 112 14.23 3.64 11.39
N ALA A 113 14.35 3.97 12.67
CA ALA A 113 14.10 5.33 13.14
C ALA A 113 15.33 6.24 13.10
N ILE A 114 16.50 5.71 12.72
CA ILE A 114 17.67 6.56 12.61
C ILE A 114 17.32 7.81 11.75
N PRO A 115 17.45 9.04 12.32
CA PRO A 115 16.94 10.24 11.65
C PRO A 115 17.86 10.78 10.55
N LYS A 116 18.43 9.88 9.76
CA LYS A 116 19.42 10.18 8.75
C LYS A 116 19.28 9.12 7.67
N PRO A 117 19.66 9.43 6.44
CA PRO A 117 19.57 8.43 5.38
C PRO A 117 20.43 7.24 5.72
N THR A 118 19.87 6.04 5.60
CA THR A 118 20.62 4.84 5.96
C THR A 118 20.54 3.83 4.83
N VAL A 119 21.65 3.21 4.50
CA VAL A 119 21.70 2.20 3.43
C VAL A 119 22.26 0.87 3.94
N ALA A 120 21.59 -0.25 3.59
CA ALA A 120 22.05 -1.57 3.93
C ALA A 120 22.95 -2.03 2.79
N ALA A 121 24.18 -2.38 3.13
CA ALA A 121 25.16 -2.95 2.22
C ALA A 121 25.12 -4.45 2.39
N VAL A 122 24.24 -5.12 1.64
CA VAL A 122 23.90 -6.52 1.88
C VAL A 122 24.82 -7.44 1.08
N THR A 123 25.60 -8.26 1.80
CA THR A 123 26.46 -9.27 1.21
C THR A 123 26.08 -10.68 1.69
N GLY A 124 26.33 -11.67 0.84
CA GLY A 124 26.14 -13.05 1.22
C GLY A 124 24.70 -13.56 1.37
N TYR A 125 24.12 -13.26 2.53
CA TYR A 125 22.83 -13.78 2.94
C TYR A 125 22.16 -12.71 3.79
N ALA A 126 20.86 -12.55 3.60
CA ALA A 126 20.03 -11.79 4.50
C ALA A 126 18.78 -12.64 4.76
N LEU A 127 18.80 -13.36 5.87
CA LEU A 127 17.80 -14.41 6.12
C LEU A 127 17.04 -14.12 7.43
N GLY A 128 15.74 -14.39 7.46
CA GLY A 128 14.92 -14.20 8.66
C GLY A 128 15.04 -12.77 9.18
N ALA A 129 15.46 -12.61 10.42
CA ALA A 129 15.59 -11.27 11.05
C ALA A 129 16.63 -10.47 10.29
N GLY A 130 17.51 -11.15 9.57
CA GLY A 130 18.48 -10.46 8.69
C GLY A 130 17.87 -9.73 7.50
N LEU A 131 16.87 -10.34 6.89
CA LEU A 131 16.12 -9.69 5.85
C LEU A 131 15.34 -8.49 6.44
N THR A 132 14.71 -8.71 7.60
CA THR A 132 13.99 -7.65 8.30
C THR A 132 14.90 -6.45 8.61
N LEU A 133 16.11 -6.74 9.07
CA LEU A 133 17.06 -5.70 9.36
C LEU A 133 17.41 -4.90 8.13
N ALA A 134 17.67 -5.58 7.02
CA ALA A 134 17.99 -4.88 5.76
C ALA A 134 16.81 -3.99 5.38
N LEU A 135 15.60 -4.49 5.60
CA LEU A 135 14.41 -3.73 5.24
C LEU A 135 14.18 -2.52 6.15
N ALA A 136 14.82 -2.48 7.30
CA ALA A 136 14.76 -1.33 8.21
C ALA A 136 15.59 -0.13 7.71
N ALA A 137 16.59 -0.41 6.86
CA ALA A 137 17.37 0.66 6.23
C ALA A 137 16.47 1.40 5.24
N ASP A 138 16.83 2.65 4.91
CA ASP A 138 16.03 3.35 3.91
C ASP A 138 16.19 2.68 2.55
N TRP A 139 17.42 2.27 2.19
CA TRP A 139 17.69 1.63 0.89
C TRP A 139 18.59 0.45 1.05
N ARG A 140 18.57 -0.43 0.08
CA ARG A 140 19.41 -1.62 0.12
C ARG A 140 20.19 -1.75 -1.18
N VAL A 141 21.51 -1.84 -1.03
CA VAL A 141 22.42 -2.21 -2.12
C VAL A 141 22.90 -3.62 -1.81
N SER A 142 22.72 -4.54 -2.77
CA SER A 142 22.94 -5.98 -2.56
C SER A 142 23.95 -6.52 -3.55
N GLY A 143 24.79 -7.41 -3.08
CA GLY A 143 25.55 -8.27 -4.00
C GLY A 143 24.63 -9.08 -4.92
N ASP A 144 25.08 -9.32 -6.15
CA ASP A 144 24.28 -10.13 -7.08
C ASP A 144 24.25 -11.60 -6.72
N ASN A 145 25.10 -12.05 -5.80
CA ASN A 145 25.10 -13.45 -5.38
C ASN A 145 24.37 -13.64 -4.05
N VAL A 146 23.68 -12.62 -3.54
CA VAL A 146 23.07 -12.73 -2.20
C VAL A 146 21.81 -13.65 -2.25
N LYS A 147 21.62 -14.44 -1.21
CA LYS A 147 20.37 -15.16 -1.04
C LYS A 147 19.60 -14.49 0.10
N PHE A 148 18.30 -14.32 -0.14
CA PHE A 148 17.33 -13.76 0.80
C PHE A 148 16.32 -14.84 1.17
N GLY A 149 15.64 -14.66 2.30
CA GLY A 149 14.57 -15.55 2.66
C GLY A 149 13.98 -15.27 4.02
N ALA A 150 12.68 -15.55 4.15
CA ALA A 150 11.97 -15.42 5.42
C ALA A 150 11.96 -16.78 6.01
N THR A 151 13.04 -17.13 6.68
CA THR A 151 13.29 -18.50 7.01
C THR A 151 12.71 -18.96 8.35
N GLU A 152 12.05 -18.07 9.07
CA GLU A 152 11.58 -18.39 10.41
C GLU A 152 10.64 -19.59 10.46
N ILE A 153 9.79 -19.79 9.43
CA ILE A 153 8.90 -20.91 9.37
C ILE A 153 9.63 -22.24 9.33
N LEU A 154 10.87 -22.26 8.86
CA LEU A 154 11.66 -23.49 8.83
C LEU A 154 12.05 -23.97 10.25
N ALA A 155 11.98 -23.06 11.23
CA ALA A 155 12.18 -23.36 12.64
C ALA A 155 10.82 -23.51 13.33
N GLY A 156 9.74 -23.57 12.57
CA GLY A 156 8.40 -23.69 13.16
C GLY A 156 7.90 -22.40 13.73
N LEU A 157 8.57 -21.28 13.38
CA LEU A 157 8.22 -19.97 13.96
C LEU A 157 7.69 -19.05 12.85
N ILE A 158 7.58 -17.76 13.13
CA ILE A 158 7.20 -16.78 12.11
C ILE A 158 8.15 -15.62 12.25
N PRO A 159 8.28 -14.79 11.21
CA PRO A 159 9.14 -13.65 11.36
C PRO A 159 8.75 -12.73 12.49
N GLY A 160 9.73 -12.27 13.22
CA GLY A 160 9.54 -11.28 14.26
C GLY A 160 10.01 -9.93 13.80
N GLY A 161 10.13 -9.03 14.75
CA GLY A 161 10.63 -7.69 14.45
C GLY A 161 9.84 -6.90 13.45
N GLY A 162 8.55 -7.20 13.28
CA GLY A 162 7.72 -6.52 12.26
C GLY A 162 8.08 -6.84 10.82
N GLY A 163 8.85 -7.91 10.62
CA GLY A 163 9.26 -8.33 9.29
C GLY A 163 8.12 -8.50 8.33
N MET A 164 7.07 -9.20 8.76
CA MET A 164 5.97 -9.50 7.83
C MET A 164 5.32 -8.24 7.34
N GLY A 165 5.10 -7.29 8.24
CA GLY A 165 4.59 -5.97 7.86
C GLY A 165 5.46 -5.24 6.84
N ARG A 166 6.76 -5.22 7.08
CA ARG A 166 7.67 -4.52 6.18
C ARG A 166 7.75 -5.23 4.81
N LEU A 167 7.77 -6.55 4.83
CA LEU A 167 7.77 -7.32 3.59
C LEU A 167 6.46 -7.03 2.82
N THR A 168 5.33 -7.09 3.53
CA THR A 168 4.01 -6.97 2.90
C THR A 168 3.80 -5.60 2.23
N ARG A 169 4.25 -4.50 2.83
CA ARG A 169 4.12 -3.15 2.27
CA ARG A 169 3.99 -3.20 2.17
C ARG A 169 4.90 -3.00 0.95
N VAL A 170 5.98 -3.78 0.80
CA VAL A 170 6.72 -3.69 -0.45
C VAL A 170 6.10 -4.60 -1.50
N VAL A 171 5.89 -5.89 -1.19
CA VAL A 171 5.51 -6.85 -2.22
C VAL A 171 4.01 -7.16 -2.32
N GLY A 172 3.19 -6.68 -1.37
CA GLY A 172 1.78 -7.08 -1.33
C GLY A 172 1.57 -8.44 -0.65
N SER A 173 0.33 -8.65 -0.24
CA SER A 173 -0.04 -9.82 0.60
C SER A 173 0.24 -11.15 -0.03
N SER A 174 -0.14 -11.28 -1.29
CA SER A 174 -0.10 -12.56 -1.95
C SER A 174 1.36 -13.06 -2.04
N ARG A 175 2.26 -12.20 -2.47
CA ARG A 175 3.66 -12.54 -2.53
C ARG A 175 4.27 -12.67 -1.11
N ALA A 176 3.85 -11.83 -0.18
CA ALA A 176 4.36 -11.92 1.17
C ALA A 176 4.06 -13.31 1.71
N LYS A 177 2.86 -13.79 1.47
CA LYS A 177 2.45 -15.09 1.95
C LYS A 177 3.24 -16.23 1.32
N GLU A 178 3.43 -16.16 0.02
CA GLU A 178 4.18 -17.17 -0.69
C GLU A 178 5.58 -17.30 -0.07
N LEU A 179 6.21 -16.17 0.19
CA LEU A 179 7.58 -16.14 0.69
C LEU A 179 7.65 -16.62 2.14
N VAL A 180 6.72 -16.14 2.94
CA VAL A 180 6.77 -16.45 4.38
C VAL A 180 6.26 -17.87 4.68
N PHE A 181 5.21 -18.30 3.99
CA PHE A 181 4.69 -19.64 4.19
C PHE A 181 5.72 -20.70 3.77
N SER A 182 6.50 -20.41 2.73
CA SER A 182 7.45 -21.39 2.20
C SER A 182 8.78 -21.33 2.88
N GLY A 183 9.17 -20.15 3.30
CA GLY A 183 10.52 -19.96 3.83
C GLY A 183 11.59 -20.16 2.78
N ARG A 184 11.25 -20.05 1.50
CA ARG A 184 12.21 -20.31 0.45
C ARG A 184 13.26 -19.21 0.29
N PHE A 185 14.40 -19.60 -0.29
CA PHE A 185 15.44 -18.67 -0.63
C PHE A 185 15.05 -18.02 -1.93
N PHE A 186 15.29 -16.72 -2.07
CA PHE A 186 15.20 -16.03 -3.37
C PHE A 186 16.50 -15.24 -3.64
N ASP A 187 16.89 -15.20 -4.91
CA ASP A 187 18.13 -14.57 -5.31
C ASP A 187 17.97 -13.02 -5.44
N ALA A 188 19.10 -12.34 -5.65
CA ALA A 188 19.15 -10.90 -5.72
C ALA A 188 18.37 -10.39 -6.93
N GLU A 189 18.38 -11.16 -7.99
CA GLU A 189 17.60 -10.78 -9.17
C GLU A 189 16.10 -10.73 -8.85
N GLU A 190 15.59 -11.75 -8.17
CA GLU A 190 14.21 -11.73 -7.77
C GLU A 190 13.94 -10.62 -6.75
N ALA A 191 14.85 -10.41 -5.80
CA ALA A 191 14.65 -9.31 -4.82
C ALA A 191 14.49 -7.98 -5.55
N LEU A 192 15.36 -7.76 -6.55
CA LEU A 192 15.36 -6.49 -7.28
C LEU A 192 14.00 -6.34 -7.98
N ALA A 193 13.54 -7.41 -8.65
CA ALA A 193 12.30 -7.36 -9.41
C ALA A 193 11.11 -7.17 -8.46
N LEU A 194 11.21 -7.67 -7.23
CA LEU A 194 10.12 -7.47 -6.23
C LEU A 194 10.11 -6.12 -5.57
N GLY A 195 11.17 -5.33 -5.75
CA GLY A 195 11.35 -4.04 -5.01
C GLY A 195 11.99 -4.18 -3.64
N LEU A 196 12.50 -5.37 -3.31
CA LEU A 196 13.02 -5.56 -1.93
C LEU A 196 14.47 -5.06 -1.78
N ILE A 197 15.16 -4.91 -2.89
CA ILE A 197 16.44 -4.23 -2.89
C ILE A 197 16.35 -3.17 -3.99
N ASP A 198 17.24 -2.18 -3.94
CA ASP A 198 17.15 -1.01 -4.81
C ASP A 198 18.22 -1.04 -5.84
N ASP A 199 19.29 -1.79 -5.59
CA ASP A 199 20.35 -1.90 -6.55
C ASP A 199 21.12 -3.20 -6.31
N MET A 200 21.63 -3.77 -7.39
CA MET A 200 22.34 -5.02 -7.35
C MET A 200 23.67 -4.79 -8.04
N VAL A 201 24.77 -5.12 -7.37
CA VAL A 201 26.07 -4.89 -7.92
C VAL A 201 26.97 -6.11 -7.64
N ALA A 202 28.19 -6.09 -8.13
CA ALA A 202 29.10 -7.22 -7.93
C ALA A 202 29.47 -7.33 -6.46
N PRO A 203 29.70 -8.57 -5.97
CA PRO A 203 29.95 -8.78 -4.55
C PRO A 203 31.02 -7.87 -3.95
N ASP A 204 32.08 -7.60 -4.72
CA ASP A 204 33.20 -6.76 -4.25
C ASP A 204 32.87 -5.27 -4.21
N ASP A 205 31.77 -4.86 -4.84
CA ASP A 205 31.44 -3.43 -4.92
C ASP A 205 30.29 -2.99 -3.97
N VAL A 206 29.78 -3.90 -3.14
CA VAL A 206 28.56 -3.64 -2.37
C VAL A 206 28.82 -2.51 -1.40
N TYR A 207 29.84 -2.65 -0.60
CA TYR A 207 30.11 -1.65 0.40
C TYR A 207 30.38 -0.30 -0.26
N ASP A 208 31.28 -0.28 -1.25
CA ASP A 208 31.60 0.96 -1.93
C ASP A 208 30.37 1.63 -2.55
N SER A 209 29.48 0.87 -3.17
CA SER A 209 28.29 1.46 -3.75
C SER A 209 27.37 2.03 -2.69
N ALA A 210 27.24 1.30 -1.56
CA ALA A 210 26.44 1.75 -0.40
C ALA A 210 27.01 3.07 0.10
N VAL A 211 28.32 3.13 0.24
CA VAL A 211 28.97 4.36 0.68
C VAL A 211 28.66 5.53 -0.28
N ALA A 212 28.77 5.30 -1.58
CA ALA A 212 28.54 6.38 -2.55
C ALA A 212 27.10 6.89 -2.49
N TRP A 213 26.16 5.97 -2.34
CA TRP A 213 24.76 6.32 -2.24
C TRP A 213 24.53 7.17 -1.01
N ALA A 214 25.08 6.76 0.12
CA ALA A 214 24.90 7.47 1.39
C ALA A 214 25.52 8.86 1.27
N ARG A 215 26.70 8.97 0.65
CA ARG A 215 27.38 10.26 0.56
C ARG A 215 26.59 11.27 -0.26
N ARG A 216 25.78 10.80 -1.22
CA ARG A 216 24.91 11.73 -1.99
C ARG A 216 24.03 12.67 -1.10
N TYR A 217 23.72 12.27 0.15
CA TYR A 217 22.79 13.03 1.00
C TYR A 217 23.48 13.82 2.13
N LEU A 218 24.81 13.75 2.22
CA LEU A 218 25.50 14.40 3.30
C LEU A 218 25.33 15.92 3.34
N GLU A 219 24.99 16.54 2.22
CA GLU A 219 24.86 17.99 2.22
C GLU A 219 23.41 18.48 2.18
N CYS A 220 22.49 17.56 2.46
CA CYS A 220 21.08 17.93 2.60
C CYS A 220 20.84 18.54 3.98
N PRO A 221 19.83 19.41 4.09
CA PRO A 221 19.46 19.99 5.36
C PRO A 221 19.00 18.91 6.34
N PRO A 222 19.76 18.71 7.43
CA PRO A 222 19.50 17.54 8.26
C PRO A 222 18.16 17.56 8.97
N ARG A 223 17.68 18.71 9.39
CA ARG A 223 16.39 18.75 10.10
C ARG A 223 15.24 18.39 9.17
N ALA A 224 15.32 18.87 7.94
CA ALA A 224 14.30 18.60 7.00
C ALA A 224 14.32 17.11 6.59
N LEU A 225 15.52 16.52 6.39
CA LEU A 225 15.61 15.06 6.09
C LEU A 225 14.95 14.27 7.22
N ALA A 226 15.30 14.64 8.45
CA ALA A 226 14.80 13.94 9.62
C ALA A 226 13.28 13.94 9.62
N ALA A 227 12.69 15.12 9.41
CA ALA A 227 11.25 15.28 9.54
C ALA A 227 10.60 14.51 8.40
N ALA A 228 11.22 14.57 7.21
CA ALA A 228 10.65 13.88 6.04
C ALA A 228 10.67 12.36 6.28
N LYS A 229 11.80 11.85 6.76
CA LYS A 229 11.95 10.41 7.05
C LYS A 229 10.90 9.96 8.08
N ALA A 230 10.71 10.78 9.09
CA ALA A 230 9.80 10.41 10.16
C ALA A 230 8.36 10.32 9.60
N VAL A 231 7.95 11.29 8.79
CA VAL A 231 6.58 11.29 8.26
C VAL A 231 6.39 10.14 7.28
N ILE A 232 7.39 9.90 6.41
CA ILE A 232 7.24 8.81 5.45
C ILE A 232 7.11 7.49 6.19
N ASN A 233 7.94 7.26 7.22
CA ASN A 233 7.87 6.00 7.97
C ASN A 233 6.56 5.85 8.71
N ASP A 234 5.94 6.96 9.08
CA ASP A 234 4.68 6.89 9.85
C ASP A 234 3.49 6.54 8.98
N VAL A 235 3.64 6.60 7.67
CA VAL A 235 2.51 6.37 6.77
C VAL A 235 1.81 5.04 7.07
N PHE A 236 2.55 3.99 7.36
CA PHE A 236 1.91 2.68 7.62
C PHE A 236 1.91 2.32 9.10
N GLU A 237 2.41 3.24 9.94
CA GLU A 237 2.57 3.02 11.36
C GLU A 237 1.46 3.66 12.19
N LEU A 238 0.92 4.79 11.79
CA LEU A 238 -0.01 5.55 12.65
C LEU A 238 -1.36 5.68 12.00
N GLU A 239 -2.40 5.73 12.82
CA GLU A 239 -3.78 5.99 12.36
C GLU A 239 -3.87 7.42 11.78
N ALA A 240 -4.80 7.68 10.88
CA ALA A 240 -4.80 8.91 10.06
C ALA A 240 -4.80 10.25 10.84
N THR A 241 -5.51 10.31 11.96
CA THR A 241 -5.54 11.56 12.73
C THR A 241 -4.19 11.79 13.42
N GLU A 242 -3.64 10.73 13.99
CA GLU A 242 -2.28 10.76 14.55
C GLU A 242 -1.23 11.16 13.46
N ARG A 243 -1.38 10.67 12.24
CA ARG A 243 -0.47 11.03 11.16
C ARG A 243 -0.51 12.51 10.83
N ALA A 244 -1.69 13.05 10.64
CA ALA A 244 -1.82 14.46 10.30
C ALA A 244 -1.23 15.33 11.43
N ALA A 245 -1.50 14.98 12.69
CA ALA A 245 -0.96 15.73 13.83
C ALA A 245 0.58 15.69 13.85
N ALA A 246 1.15 14.50 13.67
CA ALA A 246 2.60 14.36 13.76
C ALA A 246 3.29 15.00 12.54
N GLU A 247 2.68 14.96 11.37
CA GLU A 247 3.25 15.60 10.21
C GLU A 247 3.29 17.11 10.50
N ARG A 248 2.18 17.64 11.00
CA ARG A 248 2.07 19.08 11.23
C ARG A 248 3.06 19.53 12.28
N ARG A 249 3.19 18.75 13.36
CA ARG A 249 4.15 19.10 14.40
C ARG A 249 5.58 19.18 13.82
N ARG A 250 5.97 18.18 13.02
CA ARG A 250 7.30 18.14 12.45
CA ARG A 250 7.29 18.15 12.46
C ARG A 250 7.50 19.26 11.45
N TYR A 251 6.46 19.58 10.69
CA TYR A 251 6.54 20.68 9.74
C TYR A 251 6.71 22.01 10.41
N VAL A 252 5.90 22.28 11.43
CA VAL A 252 5.96 23.55 12.14
C VAL A 252 7.30 23.73 12.86
N GLU A 253 7.85 22.64 13.38
CA GLU A 253 9.14 22.68 14.06
C GLU A 253 10.20 23.30 13.15
N LEU A 254 10.07 23.12 11.83
CA LEU A 254 11.09 23.63 10.90
C LEU A 254 11.10 25.16 10.90
N PHE A 255 9.97 25.76 11.30
CA PHE A 255 9.82 27.22 11.50
C PHE A 255 10.11 27.71 12.92
N ALA A 256 10.27 26.83 13.90
CA ALA A 256 10.45 27.29 15.29
C ALA A 256 11.74 28.11 15.48
N ALA A 257 11.68 29.05 16.43
CA ALA A 257 12.74 30.00 16.69
C ALA A 257 14.14 29.39 16.71
N GLY A 258 14.34 28.29 17.40
CA GLY A 258 15.69 27.67 17.43
C GLY A 258 16.11 26.85 16.22
N GLN A 259 15.19 26.66 15.26
CA GLN A 259 15.39 25.69 14.18
C GLN A 259 15.46 26.23 12.76
N ARG A 260 15.53 27.53 12.60
CA ARG A 260 15.49 28.12 11.26
C ARG A 260 16.84 28.08 10.55
N MET B 22 -27.26 -26.18 6.08
CA MET B 22 -26.61 -25.00 5.43
C MET B 22 -25.72 -25.40 4.21
N ASN B 23 -26.28 -26.15 3.25
CA ASN B 23 -25.51 -26.54 2.04
C ASN B 23 -26.28 -26.95 0.74
N GLU B 24 -27.29 -26.19 0.38
CA GLU B 24 -27.91 -26.31 -0.97
C GLU B 24 -27.02 -25.88 -2.17
N PHE B 25 -26.19 -24.87 -2.01
CA PHE B 25 -25.41 -24.32 -3.14
C PHE B 25 -23.92 -24.39 -2.94
N VAL B 26 -23.48 -24.45 -1.69
CA VAL B 26 -22.09 -24.43 -1.35
C VAL B 26 -21.78 -25.75 -0.67
N SER B 27 -20.73 -26.41 -1.09
CA SER B 27 -20.33 -27.68 -0.48
C SER B 27 -18.83 -27.64 -0.22
N VAL B 28 -18.40 -28.50 0.70
CA VAL B 28 -16.99 -28.70 1.02
C VAL B 28 -16.66 -30.13 0.60
N VAL B 29 -15.72 -30.28 -0.34
CA VAL B 29 -15.31 -31.59 -0.80
C VAL B 29 -13.83 -31.80 -0.41
N ALA B 30 -13.57 -32.78 0.47
CA ALA B 30 -12.21 -33.10 0.94
C ALA B 30 -11.61 -34.21 0.11
N ASP B 31 -10.33 -34.11 -0.20
CA ASP B 31 -9.65 -35.16 -0.96
C ASP B 31 -8.13 -35.07 -0.85
N GLN B 32 -7.51 -36.15 -0.36
CA GLN B 32 -6.04 -36.20 -0.22
C GLN B 32 -5.45 -34.98 0.55
N GLY B 33 -6.10 -34.62 1.64
CA GLY B 33 -5.59 -33.58 2.53
C GLY B 33 -5.97 -32.15 2.19
N LEU B 34 -6.70 -31.94 1.09
CA LEU B 34 -7.15 -30.59 0.74
C LEU B 34 -8.65 -30.56 0.44
N ALA B 35 -9.25 -29.41 0.62
CA ALA B 35 -10.69 -29.29 0.41
C ALA B 35 -10.96 -28.28 -0.69
N THR B 36 -12.08 -28.50 -1.39
CA THR B 36 -12.59 -27.55 -2.36
C THR B 36 -13.90 -27.01 -1.81
N LEU B 37 -14.01 -25.69 -1.68
CA LEU B 37 -15.29 -25.02 -1.40
C LEU B 37 -15.90 -24.71 -2.74
N VAL B 38 -17.00 -25.40 -3.03
CA VAL B 38 -17.64 -25.40 -4.34
C VAL B 38 -18.93 -24.61 -4.27
N VAL B 39 -19.04 -23.59 -5.11
CA VAL B 39 -20.24 -22.81 -5.23
C VAL B 39 -20.88 -23.30 -6.50
N SER B 40 -22.11 -23.75 -6.38
CA SER B 40 -22.86 -24.27 -7.47
C SER B 40 -24.30 -23.76 -7.45
N ARG B 41 -24.55 -22.71 -8.21
CA ARG B 41 -25.90 -22.16 -8.34
C ARG B 41 -26.02 -21.68 -9.79
N PRO B 42 -26.20 -22.63 -10.73
CA PRO B 42 -26.25 -22.35 -12.16
C PRO B 42 -27.30 -21.36 -12.56
N PRO B 43 -27.07 -20.64 -13.65
CA PRO B 43 -25.90 -20.81 -14.52
C PRO B 43 -24.72 -19.86 -14.20
N THR B 44 -24.87 -18.88 -13.29
CA THR B 44 -23.78 -17.92 -13.07
C THR B 44 -23.16 -17.93 -11.67
N ASN B 45 -23.57 -18.87 -10.83
CA ASN B 45 -23.21 -18.87 -9.42
C ASN B 45 -23.42 -17.51 -8.76
N ALA B 46 -24.51 -16.87 -9.13
CA ALA B 46 -24.90 -15.62 -8.53
C ALA B 46 -25.19 -15.89 -7.05
N MET B 47 -24.73 -15.01 -6.18
CA MET B 47 -24.80 -15.26 -4.76
C MET B 47 -25.97 -14.52 -4.14
N THR B 48 -26.95 -15.29 -3.69
CA THR B 48 -28.10 -14.78 -2.97
C THR B 48 -27.75 -14.73 -1.51
N ARG B 49 -28.65 -14.20 -0.70
CA ARG B 49 -28.47 -14.19 0.73
C ARG B 49 -28.15 -15.57 1.26
N GLN B 50 -28.87 -16.57 0.76
CA GLN B 50 -28.68 -17.92 1.22
C GLN B 50 -27.26 -18.37 0.89
N VAL B 51 -26.77 -18.09 -0.34
CA VAL B 51 -25.43 -18.51 -0.70
C VAL B 51 -24.43 -17.89 0.31
N TYR B 52 -24.65 -16.65 0.71
CA TYR B 52 -23.66 -16.03 1.60
C TYR B 52 -23.65 -16.72 2.99
N ARG B 53 -24.84 -17.07 3.50
CA ARG B 53 -24.93 -17.83 4.76
C ARG B 53 -24.20 -19.15 4.65
N GLU B 54 -24.39 -19.83 3.52
CA GLU B 54 -23.70 -21.07 3.29
C GLU B 54 -22.18 -20.90 3.17
N ILE B 55 -21.74 -19.77 2.65
CA ILE B 55 -20.28 -19.51 2.59
C ILE B 55 -19.72 -19.31 3.99
N VAL B 56 -20.50 -18.61 4.83
CA VAL B 56 -20.10 -18.44 6.22
C VAL B 56 -19.93 -19.81 6.89
N ALA B 57 -20.91 -20.69 6.75
CA ALA B 57 -20.81 -22.02 7.38
C ALA B 57 -19.67 -22.79 6.78
N ALA B 58 -19.52 -22.75 5.45
CA ALA B 58 -18.45 -23.49 4.81
C ALA B 58 -17.07 -23.01 5.35
N ALA B 59 -16.89 -21.71 5.49
CA ALA B 59 -15.60 -21.20 5.94
C ALA B 59 -15.27 -21.67 7.35
N ASP B 60 -16.27 -21.67 8.22
CA ASP B 60 -16.10 -22.17 9.60
C ASP B 60 -15.71 -23.66 9.60
N GLU B 61 -16.46 -24.45 8.85
CA GLU B 61 -16.19 -25.89 8.76
C GLU B 61 -14.75 -26.14 8.28
N LEU B 62 -14.32 -25.41 7.26
CA LEU B 62 -12.97 -25.59 6.71
C LEU B 62 -11.84 -25.24 7.70
N GLY B 63 -12.06 -24.20 8.52
CA GLY B 63 -11.09 -23.80 9.52
C GLY B 63 -10.88 -24.88 10.57
N ARG B 64 -11.93 -25.61 10.92
CA ARG B 64 -11.75 -26.55 12.02
C ARG B 64 -11.39 -27.99 11.63
N ARG B 65 -11.55 -28.37 10.36
CA ARG B 65 -11.33 -29.74 9.91
C ARG B 65 -9.87 -30.12 9.70
N ASP B 66 -9.37 -31.05 10.50
CA ASP B 66 -7.96 -31.44 10.44
C ASP B 66 -7.62 -32.44 9.34
N ASP B 67 -8.63 -32.96 8.64
CA ASP B 67 -8.37 -33.65 7.36
C ASP B 67 -8.08 -32.66 6.21
N ILE B 68 -8.18 -31.35 6.49
CA ILE B 68 -7.98 -30.27 5.48
C ILE B 68 -6.84 -29.33 5.82
N GLY B 69 -5.79 -29.37 5.01
CA GLY B 69 -4.63 -28.48 5.22
C GLY B 69 -4.57 -27.25 4.34
N ALA B 70 -5.39 -27.18 3.30
CA ALA B 70 -5.44 -26.05 2.37
C ALA B 70 -6.74 -26.15 1.57
N VAL B 71 -7.15 -25.06 0.95
CA VAL B 71 -8.48 -24.92 0.39
C VAL B 71 -8.42 -24.33 -1.03
N VAL B 72 -9.23 -24.87 -1.95
CA VAL B 72 -9.42 -24.30 -3.28
C VAL B 72 -10.85 -23.81 -3.37
N LEU B 73 -11.02 -22.55 -3.80
CA LEU B 73 -12.35 -21.99 -4.02
C LEU B 73 -12.67 -22.18 -5.48
N PHE B 74 -13.86 -22.71 -5.77
CA PHE B 74 -14.16 -23.19 -7.14
C PHE B 74 -15.64 -23.09 -7.45
N GLY B 75 -15.96 -22.60 -8.64
CA GLY B 75 -17.36 -22.53 -9.08
C GLY B 75 -17.71 -23.59 -10.12
N GLY B 76 -16.77 -24.46 -10.48
CA GLY B 76 -16.95 -25.39 -11.59
C GLY B 76 -16.15 -24.93 -12.79
N HIS B 77 -16.12 -25.73 -13.85
CA HIS B 77 -15.25 -25.45 -14.99
CA HIS B 77 -15.33 -25.46 -15.06
C HIS B 77 -15.75 -24.25 -15.83
N GLU B 78 -17.03 -23.92 -15.74
CA GLU B 78 -17.62 -22.87 -16.57
C GLU B 78 -17.51 -21.46 -15.96
N ILE B 79 -17.74 -21.34 -14.65
CA ILE B 79 -17.81 -20.02 -14.04
C ILE B 79 -17.45 -20.03 -12.54
N PHE B 80 -16.75 -18.97 -12.12
CA PHE B 80 -16.51 -18.75 -10.69
C PHE B 80 -17.79 -18.10 -10.13
N SER B 81 -18.03 -16.83 -10.42
CA SER B 81 -19.29 -16.18 -10.02
C SER B 81 -19.50 -14.85 -10.71
N ALA B 82 -20.74 -14.64 -11.16
CA ALA B 82 -21.15 -13.34 -11.71
C ALA B 82 -21.54 -12.30 -10.61
N GLY B 83 -21.36 -12.64 -9.34
CA GLY B 83 -21.57 -11.70 -8.24
C GLY B 83 -22.91 -11.82 -7.52
N ASP B 84 -23.36 -10.70 -6.92
CA ASP B 84 -24.61 -10.66 -6.17
C ASP B 84 -25.75 -11.06 -7.08
N ASP B 85 -26.73 -11.76 -6.49
CA ASP B 85 -27.98 -11.97 -7.18
C ASP B 85 -28.87 -10.70 -7.16
N MET B 86 -28.75 -9.89 -8.19
CA MET B 86 -29.51 -8.63 -8.28
C MET B 86 -31.04 -8.75 -8.31
N PRO B 87 -31.58 -9.73 -9.03
CA PRO B 87 -33.04 -9.85 -8.92
C PRO B 87 -33.51 -10.06 -7.49
N GLU B 88 -32.82 -10.90 -6.71
CA GLU B 88 -33.21 -11.03 -5.29
C GLU B 88 -33.13 -9.66 -4.60
N LEU B 89 -32.01 -8.98 -4.78
CA LEU B 89 -31.82 -7.68 -4.16
C LEU B 89 -32.96 -6.73 -4.46
N ARG B 90 -33.43 -6.74 -5.69
CA ARG B 90 -34.49 -5.80 -6.07
C ARG B 90 -35.81 -6.07 -5.36
N THR B 91 -36.01 -7.26 -4.79
CA THR B 91 -37.22 -7.54 -4.05
C THR B 91 -37.13 -7.21 -2.54
N LEU B 92 -35.98 -6.78 -2.06
CA LEU B 92 -35.77 -6.51 -0.62
C LEU B 92 -36.13 -5.08 -0.25
N ASN B 93 -36.49 -4.87 1.02
CA ASN B 93 -36.64 -3.52 1.46
C ASN B 93 -35.32 -3.10 2.09
N ALA B 94 -35.27 -1.88 2.62
CA ALA B 94 -34.03 -1.31 3.07
C ALA B 94 -33.39 -2.09 4.25
N PRO B 95 -34.17 -2.39 5.30
CA PRO B 95 -33.62 -3.22 6.37
C PRO B 95 -33.19 -4.60 5.93
N GLU B 96 -33.92 -5.26 5.04
CA GLU B 96 -33.44 -6.52 4.48
C GLU B 96 -32.13 -6.38 3.68
N ALA B 97 -32.01 -5.31 2.88
CA ALA B 97 -30.80 -5.03 2.12
C ALA B 97 -29.61 -4.75 3.05
N ASP B 98 -29.89 -4.10 4.18
CA ASP B 98 -28.86 -3.79 5.14
C ASP B 98 -28.29 -5.10 5.72
N THR B 99 -29.20 -5.96 6.16
CA THR B 99 -28.83 -7.28 6.63
C THR B 99 -28.10 -8.06 5.55
N ALA B 100 -28.57 -7.98 4.31
CA ALA B 100 -27.87 -8.68 3.24
C ALA B 100 -26.42 -8.15 3.13
N ALA B 101 -26.25 -6.83 3.22
CA ALA B 101 -24.91 -6.26 3.13
C ALA B 101 -24.02 -6.76 4.28
N ARG B 102 -24.59 -6.96 5.44
CA ARG B 102 -23.77 -7.41 6.59
C ARG B 102 -23.33 -8.85 6.42
N VAL B 103 -24.25 -9.71 5.97
CA VAL B 103 -23.92 -11.11 5.75
C VAL B 103 -22.90 -11.26 4.61
N ARG B 104 -22.99 -10.40 3.60
CA ARG B 104 -22.03 -10.41 2.50
C ARG B 104 -20.65 -10.21 3.09
N LEU B 105 -20.48 -9.16 3.90
CA LEU B 105 -19.18 -8.87 4.51
C LEU B 105 -18.71 -10.05 5.41
N GLU B 106 -19.60 -10.58 6.22
CA GLU B 106 -19.29 -11.71 7.07
C GLU B 106 -18.77 -12.88 6.22
N ALA B 107 -19.40 -13.13 5.07
CA ALA B 107 -18.94 -14.22 4.17
C ALA B 107 -17.54 -13.95 3.61
N ILE B 108 -17.32 -12.74 3.09
CA ILE B 108 -16.03 -12.42 2.49
C ILE B 108 -14.91 -12.44 3.56
N ASP B 109 -15.19 -11.89 4.73
CA ASP B 109 -14.21 -11.91 5.83
C ASP B 109 -13.89 -13.33 6.25
N ALA B 110 -14.93 -14.16 6.36
CA ALA B 110 -14.74 -15.51 6.86
C ALA B 110 -13.81 -16.21 5.89
N VAL B 111 -14.05 -16.07 4.59
CA VAL B 111 -13.20 -16.74 3.60
C VAL B 111 -11.77 -16.23 3.73
N ALA B 112 -11.61 -14.92 3.94
CA ALA B 112 -10.27 -14.31 4.00
C ALA B 112 -9.50 -14.77 5.22
N ALA B 113 -10.23 -15.06 6.29
CA ALA B 113 -9.64 -15.41 7.57
C ALA B 113 -9.44 -16.92 7.74
N ILE B 114 -9.82 -17.73 6.76
CA ILE B 114 -9.59 -19.18 6.90
C ILE B 114 -8.12 -19.39 7.27
N PRO B 115 -7.87 -19.99 8.46
CA PRO B 115 -6.50 -20.13 8.95
C PRO B 115 -5.63 -21.18 8.25
N LYS B 116 -5.72 -21.24 6.92
CA LYS B 116 -5.06 -22.22 6.07
C LYS B 116 -4.85 -21.55 4.72
N PRO B 117 -3.84 -21.97 3.96
CA PRO B 117 -3.63 -21.42 2.63
C PRO B 117 -4.84 -21.68 1.73
N THR B 118 -5.34 -20.65 1.05
CA THR B 118 -6.50 -20.81 0.17
C THR B 118 -6.22 -20.24 -1.23
N VAL B 119 -6.67 -20.94 -2.26
CA VAL B 119 -6.49 -20.49 -3.64
C VAL B 119 -7.81 -20.49 -4.41
N ALA B 120 -8.07 -19.39 -5.10
CA ALA B 120 -9.23 -19.24 -5.94
C ALA B 120 -8.84 -19.82 -7.29
N ALA B 121 -9.61 -20.82 -7.72
CA ALA B 121 -9.49 -21.43 -9.04
C ALA B 121 -10.54 -20.78 -9.92
N VAL B 122 -10.17 -19.68 -10.56
CA VAL B 122 -11.13 -18.81 -11.21
C VAL B 122 -11.34 -19.18 -12.68
N THR B 123 -12.57 -19.57 -13.02
CA THR B 123 -12.94 -19.87 -14.42
C THR B 123 -14.08 -18.95 -14.91
N GLY B 124 -14.12 -18.74 -16.21
CA GLY B 124 -15.22 -17.99 -16.83
C GLY B 124 -15.26 -16.48 -16.53
N TYR B 125 -15.80 -16.15 -15.37
CA TYR B 125 -16.11 -14.77 -14.99
C TYR B 125 -15.96 -14.67 -13.48
N ALA B 126 -15.41 -13.55 -13.04
CA ALA B 126 -15.39 -13.16 -11.61
C ALA B 126 -15.84 -11.70 -11.58
N LEU B 127 -17.13 -11.46 -11.31
CA LEU B 127 -17.72 -10.14 -11.46
C LEU B 127 -18.34 -9.68 -10.17
N GLY B 128 -18.20 -8.40 -9.84
CA GLY B 128 -18.79 -7.80 -8.62
C GLY B 128 -18.30 -8.52 -7.41
N ALA B 129 -19.22 -9.06 -6.63
CA ALA B 129 -18.92 -9.76 -5.41
C ALA B 129 -18.14 -11.02 -5.73
N GLY B 130 -18.22 -11.48 -6.97
CA GLY B 130 -17.38 -12.58 -7.44
C GLY B 130 -15.89 -12.25 -7.49
N LEU B 131 -15.57 -11.07 -7.92
CA LEU B 131 -14.19 -10.62 -7.92
C LEU B 131 -13.70 -10.45 -6.46
N THR B 132 -14.54 -9.82 -5.62
CA THR B 132 -14.27 -9.69 -4.20
C THR B 132 -13.99 -11.02 -3.52
N LEU B 133 -14.81 -12.03 -3.83
CA LEU B 133 -14.60 -13.36 -3.29
C LEU B 133 -13.27 -13.95 -3.71
N ALA B 134 -12.91 -13.81 -4.99
CA ALA B 134 -11.62 -14.26 -5.48
C ALA B 134 -10.49 -13.55 -4.72
N LEU B 135 -10.69 -12.27 -4.46
CA LEU B 135 -9.67 -11.47 -3.77
C LEU B 135 -9.54 -11.82 -2.29
N ALA B 136 -10.52 -12.53 -1.74
CA ALA B 136 -10.42 -12.99 -0.35
C ALA B 136 -9.49 -14.22 -0.20
N ALA B 137 -9.27 -14.94 -1.29
CA ALA B 137 -8.35 -16.11 -1.27
C ALA B 137 -6.92 -15.57 -1.08
N ASP B 138 -6.01 -16.41 -0.57
CA ASP B 138 -4.61 -15.96 -0.47
C ASP B 138 -4.02 -15.77 -1.89
N TRP B 139 -4.35 -16.66 -2.84
CA TRP B 139 -3.85 -16.58 -4.23
C TRP B 139 -4.94 -16.86 -5.20
N ARG B 140 -4.74 -16.43 -6.43
CA ARG B 140 -5.68 -16.70 -7.48
C ARG B 140 -4.96 -17.30 -8.68
N VAL B 141 -5.47 -18.45 -9.13
CA VAL B 141 -5.13 -19.02 -10.41
C VAL B 141 -6.33 -18.85 -11.32
N SER B 142 -6.12 -18.26 -12.51
CA SER B 142 -7.19 -17.91 -13.42
C SER B 142 -7.04 -18.56 -14.77
N GLY B 143 -8.16 -18.97 -15.35
CA GLY B 143 -8.18 -19.26 -16.79
C GLY B 143 -7.75 -18.05 -17.62
N ASP B 144 -7.09 -18.30 -18.77
CA ASP B 144 -6.67 -17.19 -19.65
C ASP B 144 -7.81 -16.56 -20.41
N ASN B 145 -8.98 -17.19 -20.40
CA ASN B 145 -10.17 -16.60 -21.03
C ASN B 145 -11.11 -15.87 -20.05
N VAL B 146 -10.71 -15.71 -18.80
CA VAL B 146 -11.64 -15.20 -17.80
C VAL B 146 -11.88 -13.71 -17.99
N LYS B 147 -13.11 -13.25 -17.77
CA LYS B 147 -13.39 -11.82 -17.69
C LYS B 147 -13.68 -11.44 -16.23
N PHE B 148 -13.09 -10.34 -15.81
CA PHE B 148 -13.22 -9.77 -14.46
C PHE B 148 -13.91 -8.43 -14.59
N GLY B 149 -14.49 -7.95 -13.48
CA GLY B 149 -15.07 -6.62 -13.46
C GLY B 149 -15.77 -6.27 -12.16
N ALA B 150 -15.73 -4.98 -11.80
CA ALA B 150 -16.42 -4.47 -10.64
C ALA B 150 -17.75 -3.95 -11.13
N THR B 151 -18.74 -4.84 -11.27
CA THR B 151 -19.92 -4.49 -12.05
C THR B 151 -21.00 -3.80 -11.27
N GLU B 152 -20.81 -3.61 -9.98
CA GLU B 152 -21.89 -3.13 -9.13
C GLU B 152 -22.45 -1.76 -9.58
N ILE B 153 -21.59 -0.89 -10.09
CA ILE B 153 -22.03 0.43 -10.52
C ILE B 153 -22.97 0.37 -11.70
N LEU B 154 -22.94 -0.73 -12.43
CA LEU B 154 -23.85 -0.90 -13.57
C LEU B 154 -25.31 -1.06 -13.08
N ALA B 155 -25.49 -1.42 -11.81
CA ALA B 155 -26.79 -1.51 -11.17
C ALA B 155 -27.11 -0.25 -10.37
N GLY B 156 -26.27 0.78 -10.50
CA GLY B 156 -26.46 1.98 -9.70
C GLY B 156 -26.04 1.78 -8.25
N LEU B 157 -25.27 0.73 -7.97
CA LEU B 157 -24.83 0.45 -6.60
C LEU B 157 -23.29 0.61 -6.50
N ILE B 158 -22.68 0.11 -5.43
CA ILE B 158 -21.22 0.07 -5.30
C ILE B 158 -20.82 -1.30 -4.81
N PRO B 159 -19.56 -1.67 -4.93
CA PRO B 159 -19.17 -2.97 -4.40
C PRO B 159 -19.32 -3.08 -2.88
N GLY B 160 -19.77 -4.22 -2.42
CA GLY B 160 -19.90 -4.49 -1.00
C GLY B 160 -18.84 -5.49 -0.61
N GLY B 161 -19.01 -6.02 0.58
CA GLY B 161 -18.10 -6.97 1.14
C GLY B 161 -16.66 -6.51 1.26
N GLY B 162 -16.41 -5.20 1.39
CA GLY B 162 -15.03 -4.66 1.42
C GLY B 162 -14.25 -4.73 0.11
N GLY B 163 -14.97 -4.97 -1.00
CA GLY B 163 -14.33 -5.11 -2.32
C GLY B 163 -13.41 -3.95 -2.68
N MET B 164 -13.90 -2.73 -2.48
CA MET B 164 -13.14 -1.56 -2.91
C MET B 164 -11.83 -1.46 -2.13
N GLY B 165 -11.87 -1.73 -0.83
CA GLY B 165 -10.64 -1.81 -0.04
C GLY B 165 -9.62 -2.82 -0.53
N ARG B 166 -10.10 -4.04 -0.81
CA ARG B 166 -9.18 -5.11 -1.22
C ARG B 166 -8.58 -4.82 -2.59
N LEU B 167 -9.41 -4.30 -3.48
CA LEU B 167 -8.95 -3.92 -4.81
C LEU B 167 -7.88 -2.85 -4.66
N THR B 168 -8.19 -1.82 -3.86
CA THR B 168 -7.36 -0.63 -3.79
C THR B 168 -5.96 -0.94 -3.32
N ARG B 169 -5.84 -1.81 -2.32
CA ARG B 169 -4.53 -2.14 -1.78
C ARG B 169 -3.66 -2.86 -2.80
N VAL B 170 -4.26 -3.57 -3.75
CA VAL B 170 -3.46 -4.25 -4.77
C VAL B 170 -3.15 -3.32 -5.95
N VAL B 171 -4.15 -2.63 -6.50
CA VAL B 171 -3.89 -1.84 -7.70
C VAL B 171 -3.66 -0.33 -7.47
N GLY B 172 -3.88 0.19 -6.25
CA GLY B 172 -3.82 1.67 -6.03
C GLY B 172 -5.11 2.40 -6.41
N SER B 173 -5.27 3.60 -5.86
CA SER B 173 -6.53 4.36 -5.95
C SER B 173 -6.96 4.70 -7.35
N SER B 174 -6.01 5.17 -8.13
CA SER B 174 -6.34 5.68 -9.42
C SER B 174 -6.92 4.52 -10.31
N ARG B 175 -6.24 3.39 -10.35
CA ARG B 175 -6.73 2.22 -11.08
C ARG B 175 -8.01 1.65 -10.44
N ALA B 176 -8.09 1.65 -9.12
CA ALA B 176 -9.27 1.15 -8.45
C ALA B 176 -10.47 1.97 -8.92
N LYS B 177 -10.31 3.28 -8.98
CA LYS B 177 -11.41 4.17 -9.39
C LYS B 177 -11.81 3.95 -10.84
N GLU B 178 -10.81 3.82 -11.71
CA GLU B 178 -11.08 3.57 -13.12
C GLU B 178 -11.94 2.30 -13.30
N LEU B 179 -11.59 1.26 -12.57
CA LEU B 179 -12.31 -0.02 -12.69
C LEU B 179 -13.70 0.05 -12.07
N VAL B 180 -13.81 0.63 -10.87
CA VAL B 180 -15.06 0.62 -10.13
C VAL B 180 -16.03 1.65 -10.74
N PHE B 181 -15.53 2.83 -11.14
CA PHE B 181 -16.41 3.85 -11.69
C PHE B 181 -16.98 3.39 -13.02
N SER B 182 -16.18 2.65 -13.78
CA SER B 182 -16.61 2.24 -15.14
C SER B 182 -17.41 0.95 -15.15
N GLY B 183 -17.10 0.04 -14.23
CA GLY B 183 -17.68 -1.26 -14.24
C GLY B 183 -17.25 -2.08 -15.44
N ARG B 184 -16.15 -1.72 -16.10
CA ARG B 184 -15.73 -2.40 -17.32
C ARG B 184 -15.13 -3.78 -17.06
N PHE B 185 -15.19 -4.61 -18.11
CA PHE B 185 -14.65 -5.94 -18.04
C PHE B 185 -13.18 -5.81 -18.35
N PHE B 186 -12.34 -6.57 -17.64
CA PHE B 186 -10.95 -6.70 -18.00
C PHE B 186 -10.59 -8.17 -18.11
N ASP B 187 -9.69 -8.47 -19.05
CA ASP B 187 -9.27 -9.85 -19.28
C ASP B 187 -8.23 -10.33 -18.24
N ALA B 188 -7.93 -11.62 -18.29
CA ALA B 188 -6.98 -12.24 -17.40
C ALA B 188 -5.59 -11.71 -17.58
N GLU B 189 -5.25 -11.37 -18.81
CA GLU B 189 -3.93 -10.78 -19.07
C GLU B 189 -3.76 -9.44 -18.32
N GLU B 190 -4.77 -8.59 -18.38
CA GLU B 190 -4.74 -7.37 -17.61
C GLU B 190 -4.76 -7.65 -16.07
N ALA B 191 -5.59 -8.59 -15.63
CA ALA B 191 -5.62 -8.93 -14.18
C ALA B 191 -4.20 -9.34 -13.72
N LEU B 192 -3.53 -10.14 -14.55
CA LEU B 192 -2.18 -10.61 -14.20
C LEU B 192 -1.22 -9.43 -14.10
N ALA B 193 -1.28 -8.55 -15.09
CA ALA B 193 -0.39 -7.37 -15.12
C ALA B 193 -0.69 -6.42 -13.93
N LEU B 194 -1.93 -6.38 -13.48
CA LEU B 194 -2.28 -5.52 -12.35
C LEU B 194 -1.96 -6.13 -10.99
N GLY B 195 -1.60 -7.42 -10.95
CA GLY B 195 -1.39 -8.13 -9.69
C GLY B 195 -2.67 -8.67 -9.06
N LEU B 196 -3.78 -8.67 -9.79
CA LEU B 196 -5.04 -9.14 -9.23
C LEU B 196 -5.22 -10.65 -9.30
N ILE B 197 -4.46 -11.31 -10.18
CA ILE B 197 -4.34 -12.75 -10.15
C ILE B 197 -2.83 -13.06 -10.10
N ASP B 198 -2.48 -14.28 -9.74
CA ASP B 198 -1.10 -14.65 -9.51
C ASP B 198 -0.59 -15.57 -10.60
N ASP B 199 -1.48 -16.25 -11.30
CA ASP B 199 -1.09 -17.13 -12.38
C ASP B 199 -2.26 -17.31 -13.37
N MET B 200 -1.92 -17.50 -14.64
CA MET B 200 -2.87 -17.62 -15.73
C MET B 200 -2.53 -18.89 -16.49
N VAL B 201 -3.52 -19.75 -16.71
CA VAL B 201 -3.29 -21.01 -17.40
C VAL B 201 -4.48 -21.29 -18.31
N ALA B 202 -4.40 -22.36 -19.08
CA ALA B 202 -5.45 -22.71 -20.02
C ALA B 202 -6.72 -23.12 -19.24
N PRO B 203 -7.89 -22.87 -19.84
CA PRO B 203 -9.17 -23.03 -19.12
C PRO B 203 -9.34 -24.40 -18.48
N ASP B 204 -8.84 -25.43 -19.14
CA ASP B 204 -8.96 -26.80 -18.66
C ASP B 204 -8.01 -27.16 -17.54
N ASP B 205 -7.02 -26.31 -17.29
CA ASP B 205 -5.98 -26.58 -16.29
C ASP B 205 -6.13 -25.73 -15.01
N VAL B 206 -7.18 -24.91 -14.90
CA VAL B 206 -7.27 -23.94 -13.79
C VAL B 206 -7.38 -24.71 -12.48
N TYR B 207 -8.33 -25.63 -12.41
CA TYR B 207 -8.56 -26.33 -11.17
C TYR B 207 -7.31 -27.13 -10.80
N ASP B 208 -6.78 -27.90 -11.75
CA ASP B 208 -5.59 -28.71 -11.47
C ASP B 208 -4.39 -27.84 -11.00
N SER B 209 -4.16 -26.69 -11.61
CA SER B 209 -3.08 -25.79 -11.16
C SER B 209 -3.34 -25.24 -9.75
N ALA B 210 -4.60 -24.91 -9.46
CA ALA B 210 -5.01 -24.44 -8.13
C ALA B 210 -4.74 -25.53 -7.10
N VAL B 211 -5.13 -26.76 -7.43
CA VAL B 211 -4.87 -27.88 -6.54
C VAL B 211 -3.35 -28.00 -6.29
N ALA B 212 -2.54 -27.90 -7.33
CA ALA B 212 -1.08 -28.03 -7.18
C ALA B 212 -0.50 -26.95 -6.28
N TRP B 213 -1.00 -25.71 -6.41
CA TRP B 213 -0.52 -24.61 -5.53
C TRP B 213 -0.86 -24.90 -4.11
N ALA B 214 -2.10 -25.33 -3.87
CA ALA B 214 -2.54 -25.64 -2.49
C ALA B 214 -1.73 -26.77 -1.90
N ARG B 215 -1.48 -27.81 -2.70
CA ARG B 215 -0.73 -28.96 -2.20
C ARG B 215 0.70 -28.59 -1.80
N ARG B 216 1.28 -27.55 -2.39
CA ARG B 216 2.63 -27.10 -2.02
C ARG B 216 2.77 -26.79 -0.49
N TYR B 217 1.68 -26.52 0.22
CA TYR B 217 1.75 -26.14 1.66
C TYR B 217 1.30 -27.24 2.63
N LEU B 218 0.87 -28.39 2.12
CA LEU B 218 0.40 -29.47 3.00
C LEU B 218 1.43 -30.00 3.99
N GLU B 219 2.72 -29.78 3.73
CA GLU B 219 3.77 -30.29 4.61
C GLU B 219 4.39 -29.22 5.51
N CYS B 220 3.76 -28.07 5.56
CA CYS B 220 4.22 -27.00 6.42
C CYS B 220 3.61 -27.14 7.79
N PRO B 221 4.24 -26.54 8.81
CA PRO B 221 3.63 -26.52 10.15
C PRO B 221 2.34 -25.70 10.17
N PRO B 222 1.20 -26.35 10.41
CA PRO B 222 -0.07 -25.64 10.21
C PRO B 222 -0.31 -24.44 11.15
N ARG B 223 0.14 -24.52 12.39
CA ARG B 223 -0.12 -23.42 13.32
C ARG B 223 0.73 -22.21 12.91
N ALA B 224 1.94 -22.46 12.43
CA ALA B 224 2.83 -21.40 11.98
C ALA B 224 2.29 -20.73 10.70
N LEU B 225 1.80 -21.52 9.75
CA LEU B 225 1.16 -20.96 8.57
C LEU B 225 -0.01 -20.04 8.99
N ALA B 226 -0.84 -20.55 9.88
CA ALA B 226 -2.00 -19.81 10.39
C ALA B 226 -1.58 -18.48 10.99
N ALA B 227 -0.54 -18.52 11.81
CA ALA B 227 -0.03 -17.33 12.45
C ALA B 227 0.53 -16.33 11.41
N ALA B 228 1.26 -16.85 10.43
CA ALA B 228 1.88 -15.99 9.39
C ALA B 228 0.80 -15.33 8.56
N LYS B 229 -0.21 -16.11 8.19
CA LYS B 229 -1.38 -15.57 7.47
C LYS B 229 -2.06 -14.49 8.29
N ALA B 230 -2.24 -14.75 9.58
CA ALA B 230 -2.95 -13.83 10.44
C ALA B 230 -2.26 -12.45 10.52
N VAL B 231 -0.95 -12.48 10.75
CA VAL B 231 -0.17 -11.24 10.83
C VAL B 231 -0.17 -10.55 9.47
N ILE B 232 0.00 -11.30 8.39
CA ILE B 232 0.03 -10.62 7.08
C ILE B 232 -1.28 -9.92 6.79
N ASN B 233 -2.41 -10.61 7.06
CA ASN B 233 -3.70 -10.01 6.80
C ASN B 233 -3.97 -8.80 7.67
N ASP B 234 -3.34 -8.75 8.83
CA ASP B 234 -3.57 -7.62 9.75
C ASP B 234 -2.84 -6.36 9.34
N VAL B 235 -1.89 -6.48 8.42
CA VAL B 235 -0.98 -5.37 8.10
C VAL B 235 -1.73 -4.11 7.74
N PHE B 236 -2.83 -4.20 7.02
CA PHE B 236 -3.53 -2.98 6.66
C PHE B 236 -4.78 -2.75 7.48
N GLU B 237 -5.06 -3.67 8.40
CA GLU B 237 -6.26 -3.60 9.18
C GLU B 237 -6.05 -2.94 10.54
N LEU B 238 -4.96 -3.26 11.23
CA LEU B 238 -4.83 -2.96 12.66
C LEU B 238 -3.83 -1.86 12.85
N GLU B 239 -4.02 -1.07 13.90
CA GLU B 239 -3.03 -0.05 14.28
C GLU B 239 -1.74 -0.72 14.73
N ALA B 240 -0.62 -0.01 14.60
CA ALA B 240 0.71 -0.58 14.77
C ALA B 240 0.98 -1.29 16.12
N THR B 241 0.46 -0.75 17.22
CA THR B 241 0.72 -1.35 18.53
C THR B 241 -0.03 -2.69 18.66
N GLU B 242 -1.28 -2.72 18.22
CA GLU B 242 -2.03 -3.94 18.13
C GLU B 242 -1.39 -5.00 17.22
N ARG B 243 -0.87 -4.57 16.08
CA ARG B 243 -0.17 -5.49 15.18
C ARG B 243 1.04 -6.14 15.93
N ALA B 244 1.85 -5.32 16.58
CA ALA B 244 3.02 -5.80 17.27
C ALA B 244 2.63 -6.79 18.37
N ALA B 245 1.60 -6.44 19.14
CA ALA B 245 1.17 -7.31 20.27
C ALA B 245 0.72 -8.65 19.75
N ALA B 246 -0.07 -8.65 18.67
CA ALA B 246 -0.54 -9.88 18.12
C ALA B 246 0.56 -10.71 17.49
N GLU B 247 1.52 -10.07 16.84
CA GLU B 247 2.61 -10.81 16.22
C GLU B 247 3.40 -11.49 17.29
N ARG B 248 3.70 -10.76 18.35
CA ARG B 248 4.53 -11.31 19.43
C ARG B 248 3.79 -12.45 20.14
N ARG B 249 2.51 -12.28 20.38
CA ARG B 249 1.76 -13.32 21.04
C ARG B 249 1.82 -14.59 20.16
N ARG B 250 1.61 -14.45 18.85
CA ARG B 250 1.58 -15.62 17.99
C ARG B 250 2.96 -16.30 17.93
N TYR B 251 4.02 -15.49 17.91
CA TYR B 251 5.36 -16.00 17.88
C TYR B 251 5.64 -16.81 19.13
N VAL B 252 5.26 -16.28 20.29
CA VAL B 252 5.55 -16.93 21.55
C VAL B 252 4.76 -18.20 21.73
N GLU B 253 3.53 -18.21 21.27
CA GLU B 253 2.69 -19.38 21.24
C GLU B 253 3.37 -20.51 20.51
N LEU B 254 3.84 -20.21 19.32
CA LEU B 254 4.46 -21.25 18.51
C LEU B 254 5.68 -21.79 19.22
N PHE B 255 6.39 -20.87 19.86
CA PHE B 255 7.60 -21.23 20.54
C PHE B 255 7.31 -22.13 21.76
N ALA B 256 6.28 -21.77 22.54
CA ALA B 256 5.94 -22.47 23.78
C ALA B 256 5.35 -23.86 23.50
N ALA B 257 4.67 -24.04 22.37
CA ALA B 257 4.38 -25.38 21.88
C ALA B 257 5.72 -25.94 21.38
N ASN C 23 -11.65 34.17 -5.32
CA ASN C 23 -11.81 35.19 -6.41
C ASN C 23 -10.55 35.36 -7.29
N GLU C 24 -9.41 35.71 -6.71
CA GLU C 24 -8.31 36.32 -7.47
C GLU C 24 -7.41 35.41 -8.38
N PHE C 25 -7.10 34.20 -7.95
CA PHE C 25 -6.16 33.34 -8.70
C PHE C 25 -6.77 32.04 -9.21
N VAL C 26 -7.85 31.60 -8.58
CA VAL C 26 -8.45 30.32 -8.93
C VAL C 26 -9.82 30.60 -9.52
N SER C 27 -10.14 29.95 -10.62
CA SER C 27 -11.44 30.13 -11.29
C SER C 27 -12.07 28.80 -11.57
N VAL C 28 -13.38 28.82 -11.72
CA VAL C 28 -14.14 27.67 -12.18
C VAL C 28 -14.80 28.09 -13.49
N VAL C 29 -14.47 27.37 -14.57
CA VAL C 29 -15.04 27.67 -15.88
C VAL C 29 -15.84 26.43 -16.32
N ALA C 30 -17.16 26.59 -16.49
CA ALA C 30 -18.07 25.48 -16.82
C ALA C 30 -18.35 25.51 -18.29
N ASP C 31 -18.43 24.33 -18.92
CA ASP C 31 -18.72 24.25 -20.35
C ASP C 31 -19.14 22.84 -20.78
N GLN C 32 -20.32 22.75 -21.38
CA GLN C 32 -20.80 21.45 -21.88
C GLN C 32 -20.75 20.36 -20.82
N GLY C 33 -21.21 20.69 -19.62
CA GLY C 33 -21.35 19.71 -18.56
C GLY C 33 -20.10 19.46 -17.73
N LEU C 34 -19.01 20.14 -18.06
CA LEU C 34 -17.70 19.88 -17.47
C LEU C 34 -17.12 21.17 -16.92
N ALA C 35 -16.41 21.14 -15.80
CA ALA C 35 -15.77 22.38 -15.31
C ALA C 35 -14.26 22.23 -15.35
N THR C 36 -13.56 23.33 -15.56
CA THR C 36 -12.10 23.39 -15.39
C THR C 36 -11.82 24.29 -14.18
N LEU C 37 -11.10 23.74 -13.20
CA LEU C 37 -10.61 24.52 -12.06
C LEU C 37 -9.24 25.02 -12.47
N VAL C 38 -9.14 26.34 -12.67
CA VAL C 38 -7.97 26.99 -13.26
C VAL C 38 -7.19 27.75 -12.20
N VAL C 39 -5.93 27.40 -12.02
CA VAL C 39 -5.04 28.13 -11.14
C VAL C 39 -4.22 29.01 -12.05
N SER C 40 -4.28 30.32 -11.76
CA SER C 40 -3.59 31.28 -12.52
C SER C 40 -2.93 32.33 -11.61
N ARG C 41 -1.65 32.15 -11.37
CA ARG C 41 -0.88 33.10 -10.59
C ARG C 41 0.50 33.11 -11.18
N PRO C 42 0.66 33.85 -12.29
CA PRO C 42 1.93 33.88 -13.00
C PRO C 42 3.04 34.37 -12.13
N PRO C 43 4.27 34.03 -12.48
CA PRO C 43 4.62 33.19 -13.63
C PRO C 43 4.70 31.65 -13.35
N THR C 44 4.61 31.19 -12.10
CA THR C 44 4.81 29.76 -11.82
C THR C 44 3.63 29.08 -11.13
N ASN C 45 2.51 29.79 -11.04
CA ASN C 45 1.35 29.32 -10.31
C ASN C 45 1.76 28.84 -8.95
N ALA C 46 2.67 29.58 -8.32
CA ALA C 46 3.05 29.33 -6.96
C ALA C 46 1.84 29.56 -6.07
N MET C 47 1.63 28.68 -5.10
CA MET C 47 0.42 28.76 -4.28
C MET C 47 0.71 29.30 -2.91
N THR C 48 0.15 30.47 -2.63
CA THR C 48 0.26 31.08 -1.31
C THR C 48 -0.87 30.57 -0.46
N ARG C 49 -0.90 30.99 0.81
CA ARG C 49 -2.04 30.66 1.67
C ARG C 49 -3.35 31.08 1.00
N GLN C 50 -3.38 32.27 0.38
CA GLN C 50 -4.59 32.75 -0.26
C GLN C 50 -5.00 31.80 -1.39
N VAL C 51 -4.06 31.35 -2.20
CA VAL C 51 -4.41 30.42 -3.27
C VAL C 51 -5.07 29.16 -2.68
N TYR C 52 -4.57 28.68 -1.54
CA TYR C 52 -5.16 27.50 -0.98
C TYR C 52 -6.62 27.74 -0.53
N ARG C 53 -6.89 28.89 0.07
CA ARG C 53 -8.25 29.23 0.50
C ARG C 53 -9.16 29.28 -0.71
N GLU C 54 -8.66 29.85 -1.80
CA GLU C 54 -9.44 29.92 -3.05
C GLU C 54 -9.66 28.53 -3.66
N ILE C 55 -8.71 27.61 -3.49
CA ILE C 55 -8.89 26.24 -3.94
C ILE C 55 -9.99 25.55 -3.11
N VAL C 56 -9.99 25.78 -1.79
CA VAL C 56 -11.04 25.24 -0.95
C VAL C 56 -12.42 25.76 -1.45
N ALA C 57 -12.57 27.07 -1.70
CA ALA C 57 -13.88 27.62 -2.18
C ALA C 57 -14.26 27.06 -3.54
N ALA C 58 -13.29 27.01 -4.46
CA ALA C 58 -13.53 26.42 -5.77
C ALA C 58 -13.95 24.92 -5.64
N ALA C 59 -13.28 24.15 -4.78
CA ALA C 59 -13.62 22.70 -4.65
C ALA C 59 -15.04 22.52 -4.11
N ASP C 60 -15.42 23.35 -3.14
CA ASP C 60 -16.79 23.28 -2.63
C ASP C 60 -17.84 23.67 -3.72
N GLU C 61 -17.58 24.75 -4.45
CA GLU C 61 -18.47 25.17 -5.52
C GLU C 61 -18.66 24.04 -6.51
N LEU C 62 -17.56 23.38 -6.89
CA LEU C 62 -17.62 22.33 -7.92
C LEU C 62 -18.45 21.12 -7.49
N GLY C 63 -18.39 20.79 -6.20
CA GLY C 63 -19.18 19.71 -5.65
C GLY C 63 -20.69 19.96 -5.70
N ARG C 64 -21.09 21.22 -5.52
CA ARG C 64 -22.50 21.64 -5.39
C ARG C 64 -23.20 21.84 -6.75
N ARG C 65 -22.43 22.17 -7.79
CA ARG C 65 -22.97 22.59 -9.10
C ARG C 65 -23.47 21.46 -10.03
N ASP C 66 -24.77 21.43 -10.30
CA ASP C 66 -25.37 20.38 -11.12
C ASP C 66 -25.23 20.59 -12.61
N ASP C 67 -24.75 21.75 -13.03
CA ASP C 67 -24.31 21.90 -14.41
C ASP C 67 -22.94 21.22 -14.66
N ILE C 68 -22.32 20.68 -13.58
CA ILE C 68 -20.96 20.08 -13.63
C ILE C 68 -20.96 18.58 -13.25
N GLY C 69 -20.62 17.72 -14.21
CA GLY C 69 -20.50 16.28 -13.97
C GLY C 69 -19.10 15.75 -13.72
N ALA C 70 -18.07 16.51 -14.03
CA ALA C 70 -16.68 16.07 -13.94
C ALA C 70 -15.78 17.33 -14.07
N VAL C 71 -14.53 17.23 -13.60
CA VAL C 71 -13.66 18.39 -13.39
C VAL C 71 -12.27 18.11 -13.97
N VAL C 72 -11.68 19.13 -14.62
CA VAL C 72 -10.31 19.10 -15.06
C VAL C 72 -9.57 20.16 -14.27
N LEU C 73 -8.45 19.77 -13.66
CA LEU C 73 -7.57 20.72 -12.94
C LEU C 73 -6.52 21.17 -13.92
N PHE C 74 -6.32 22.48 -14.00
CA PHE C 74 -5.49 23.05 -15.07
C PHE C 74 -4.79 24.33 -14.63
N GLY C 75 -3.52 24.45 -15.00
CA GLY C 75 -2.79 25.69 -14.72
C GLY C 75 -2.57 26.55 -15.95
N GLY C 76 -3.10 26.14 -17.11
CA GLY C 76 -2.80 26.81 -18.38
C GLY C 76 -1.80 25.98 -19.19
N HIS C 77 -1.53 26.39 -20.45
CA HIS C 77 -0.74 25.56 -21.35
CA HIS C 77 -0.69 25.62 -21.40
C HIS C 77 0.74 25.52 -20.96
N GLU C 78 1.19 26.52 -20.21
CA GLU C 78 2.61 26.64 -19.82
C GLU C 78 2.99 25.83 -18.56
N ILE C 79 2.16 25.91 -17.52
CA ILE C 79 2.54 25.32 -16.24
C ILE C 79 1.34 24.91 -15.38
N PHE C 80 1.47 23.77 -14.69
CA PHE C 80 0.49 23.35 -13.67
C PHE C 80 0.78 24.13 -12.37
N SER C 81 1.83 23.78 -11.65
CA SER C 81 2.30 24.61 -10.53
C SER C 81 3.69 24.23 -10.05
N ALA C 82 4.50 25.22 -9.72
CA ALA C 82 5.82 25.01 -9.07
C ALA C 82 5.71 24.84 -7.55
N GLY C 83 4.49 24.81 -7.00
CA GLY C 83 4.30 24.48 -5.59
C GLY C 83 4.05 25.68 -4.70
N ASP C 84 4.45 25.54 -3.43
CA ASP C 84 4.27 26.58 -2.43
C ASP C 84 4.99 27.86 -2.83
N ASP C 85 4.39 28.97 -2.48
CA ASP C 85 5.07 30.26 -2.64
C ASP C 85 6.11 30.43 -1.54
N MET C 86 7.35 30.15 -1.90
CA MET C 86 8.46 30.16 -0.95
C MET C 86 8.78 31.53 -0.34
N PRO C 87 8.72 32.62 -1.12
CA PRO C 87 8.92 33.90 -0.44
C PRO C 87 7.92 34.18 0.69
N GLU C 88 6.65 33.76 0.54
CA GLU C 88 5.73 33.82 1.66
C GLU C 88 6.19 32.89 2.78
N LEU C 89 6.35 31.62 2.47
CA LEU C 89 6.64 30.61 3.51
C LEU C 89 7.84 30.96 4.33
N ARG C 90 8.86 31.50 3.68
CA ARG C 90 10.11 31.78 4.34
C ARG C 90 9.97 32.82 5.41
N THR C 91 8.96 33.69 5.31
CA THR C 91 8.76 34.77 6.25
C THR C 91 7.89 34.40 7.45
N LEU C 92 7.34 33.17 7.50
CA LEU C 92 6.42 32.81 8.58
C LEU C 92 7.08 32.28 9.86
N ASN C 93 6.44 32.51 11.00
CA ASN C 93 6.89 31.94 12.25
C ASN C 93 6.09 30.66 12.49
N ALA C 94 6.29 30.01 13.62
CA ALA C 94 5.71 28.67 13.85
C ALA C 94 4.18 28.68 13.87
N PRO C 95 3.57 29.58 14.64
CA PRO C 95 2.08 29.60 14.57
C PRO C 95 1.54 29.95 13.18
N GLU C 96 2.19 30.85 12.45
CA GLU C 96 1.76 31.12 11.08
C GLU C 96 1.98 29.90 10.18
N ALA C 97 3.08 29.18 10.35
CA ALA C 97 3.33 27.93 9.61
C ALA C 97 2.27 26.87 9.92
N ASP C 98 1.82 26.83 11.16
CA ASP C 98 0.78 25.88 11.55
C ASP C 98 -0.48 26.16 10.74
N THR C 99 -0.94 27.40 10.80
CA THR C 99 -2.06 27.81 9.96
C THR C 99 -1.80 27.55 8.47
N ALA C 100 -0.59 27.84 7.97
CA ALA C 100 -0.28 27.56 6.54
C ALA C 100 -0.43 26.08 6.27
N ALA C 101 0.04 25.24 7.19
CA ALA C 101 -0.01 23.82 6.96
C ALA C 101 -1.46 23.33 6.95
N ARG C 102 -2.34 23.94 7.76
CA ARG C 102 -3.74 23.53 7.76
C ARG C 102 -4.46 23.87 6.47
N VAL C 103 -4.25 25.09 6.00
CA VAL C 103 -5.02 25.52 4.85
C VAL C 103 -4.52 24.77 3.61
N ARG C 104 -3.22 24.49 3.57
CA ARG C 104 -2.68 23.70 2.48
C ARG C 104 -3.36 22.33 2.48
N LEU C 105 -3.36 21.67 3.63
CA LEU C 105 -4.00 20.34 3.74
C LEU C 105 -5.50 20.40 3.41
N GLU C 106 -6.20 21.41 3.93
CA GLU C 106 -7.60 21.61 3.60
C GLU C 106 -7.82 21.74 2.09
N ALA C 107 -6.95 22.46 1.40
CA ALA C 107 -7.08 22.61 -0.06
C ALA C 107 -6.86 21.27 -0.84
N ILE C 108 -5.78 20.57 -0.50
CA ILE C 108 -5.52 19.30 -1.13
C ILE C 108 -6.67 18.30 -0.87
N ASP C 109 -7.11 18.22 0.36
CA ASP C 109 -8.18 17.28 0.71
C ASP C 109 -9.51 17.67 0.06
N ALA C 110 -9.80 18.97 -0.03
CA ALA C 110 -11.03 19.45 -0.70
C ALA C 110 -11.01 18.97 -2.13
N VAL C 111 -9.88 19.14 -2.82
CA VAL C 111 -9.82 18.69 -4.18
C VAL C 111 -10.00 17.18 -4.29
N ALA C 112 -9.42 16.45 -3.33
CA ALA C 112 -9.46 15.02 -3.32
C ALA C 112 -10.87 14.51 -3.10
N ALA C 113 -11.65 15.26 -2.32
CA ALA C 113 -12.99 14.86 -1.92
C ALA C 113 -14.07 15.31 -2.92
N ILE C 114 -13.69 16.03 -3.97
CA ILE C 114 -14.72 16.48 -4.93
C ILE C 114 -15.54 15.25 -5.41
N PRO C 115 -16.85 15.23 -5.13
CA PRO C 115 -17.67 14.01 -5.34
C PRO C 115 -18.00 13.70 -6.82
N LYS C 116 -17.03 13.90 -7.70
CA LYS C 116 -17.20 13.75 -9.12
C LYS C 116 -15.84 13.34 -9.64
N PRO C 117 -15.81 12.70 -10.81
CA PRO C 117 -14.51 12.35 -11.38
C PRO C 117 -13.66 13.58 -11.73
N THR C 118 -12.39 13.59 -11.36
CA THR C 118 -11.53 14.75 -11.60
C THR C 118 -10.20 14.32 -12.23
N VAL C 119 -9.75 15.09 -13.22
CA VAL C 119 -8.53 14.78 -13.93
C VAL C 119 -7.59 16.00 -13.93
N ALA C 120 -6.33 15.77 -13.59
CA ALA C 120 -5.31 16.76 -13.64
C ALA C 120 -4.71 16.80 -15.06
N ALA C 121 -4.79 17.96 -15.70
CA ALA C 121 -4.21 18.22 -17.00
C ALA C 121 -2.89 18.90 -16.77
N VAL C 122 -1.82 18.11 -16.65
CA VAL C 122 -0.54 18.63 -16.17
C VAL C 122 0.36 19.04 -17.32
N THR C 123 0.73 20.33 -17.32
CA THR C 123 1.64 20.89 -18.30
C THR C 123 2.85 21.51 -17.61
N GLY C 124 3.97 21.56 -18.33
CA GLY C 124 5.18 22.24 -17.83
C GLY C 124 5.88 21.56 -16.67
N TYR C 125 5.35 21.81 -15.47
CA TYR C 125 5.96 21.39 -14.20
C TYR C 125 4.83 21.08 -13.22
N ALA C 126 5.03 20.04 -12.39
CA ALA C 126 4.25 19.80 -11.17
C ALA C 126 5.22 19.52 -10.02
N LEU C 127 5.50 20.55 -9.21
CA LEU C 127 6.61 20.51 -8.27
C LEU C 127 6.11 20.80 -6.86
N GLY C 128 6.64 20.07 -5.89
CA GLY C 128 6.25 20.29 -4.50
C GLY C 128 4.76 20.12 -4.27
N ALA C 129 4.12 21.14 -3.71
CA ALA C 129 2.68 21.11 -3.51
C ALA C 129 1.93 20.97 -4.83
N GLY C 130 2.58 21.34 -5.92
CA GLY C 130 2.02 21.14 -7.24
C GLY C 130 1.86 19.67 -7.62
N LEU C 131 2.84 18.84 -7.28
CA LEU C 131 2.74 17.39 -7.49
C LEU C 131 1.62 16.82 -6.58
N THR C 132 1.62 17.23 -5.34
CA THR C 132 0.58 16.82 -4.41
C THR C 132 -0.82 17.15 -4.94
N LEU C 133 -1.00 18.36 -5.47
CA LEU C 133 -2.30 18.79 -5.99
C LEU C 133 -2.68 17.87 -7.13
N ALA C 134 -1.72 17.58 -7.99
CA ALA C 134 -1.98 16.70 -9.12
C ALA C 134 -2.42 15.30 -8.60
N LEU C 135 -1.80 14.86 -7.52
CA LEU C 135 -2.11 13.56 -6.93
C LEU C 135 -3.48 13.55 -6.24
N ALA C 136 -4.03 14.73 -5.96
CA ALA C 136 -5.34 14.81 -5.31
C ALA C 136 -6.49 14.57 -6.36
N ALA C 137 -6.18 14.75 -7.67
CA ALA C 137 -7.15 14.40 -8.74
C ALA C 137 -7.31 12.88 -8.82
N ASP C 138 -8.42 12.39 -9.38
CA ASP C 138 -8.55 10.97 -9.55
C ASP C 138 -7.58 10.42 -10.57
N TRP C 139 -7.35 11.13 -11.68
CA TRP C 139 -6.35 10.73 -12.72
C TRP C 139 -5.51 11.88 -13.16
N ARG C 140 -4.35 11.56 -13.74
CA ARG C 140 -3.48 12.59 -14.26
C ARG C 140 -3.13 12.26 -15.69
N VAL C 141 -3.38 13.25 -16.58
CA VAL C 141 -2.85 13.25 -17.94
C VAL C 141 -1.73 14.31 -17.94
N SER C 142 -0.56 13.91 -18.40
CA SER C 142 0.61 14.77 -18.41
C SER C 142 1.17 14.98 -19.81
N GLY C 143 1.66 16.18 -20.06
CA GLY C 143 2.54 16.37 -21.20
C GLY C 143 3.77 15.50 -21.12
N ASP C 144 4.29 15.07 -22.26
CA ASP C 144 5.52 14.25 -22.25
C ASP C 144 6.76 15.04 -21.91
N ASN C 145 6.67 16.37 -21.92
CA ASN C 145 7.81 17.20 -21.54
C ASN C 145 7.75 17.69 -20.07
N VAL C 146 6.81 17.20 -19.28
CA VAL C 146 6.63 17.77 -17.93
C VAL C 146 7.75 17.32 -17.00
N LYS C 147 8.19 18.21 -16.15
CA LYS C 147 9.09 17.81 -15.07
C LYS C 147 8.31 17.79 -13.76
N PHE C 148 8.54 16.73 -12.98
CA PHE C 148 7.95 16.54 -11.66
C PHE C 148 9.03 16.58 -10.60
N GLY C 149 8.65 16.81 -9.35
CA GLY C 149 9.63 16.77 -8.24
C GLY C 149 9.04 17.14 -6.89
N ALA C 150 9.58 16.55 -5.83
CA ALA C 150 9.24 16.89 -4.47
C ALA C 150 10.29 17.89 -4.06
N THR C 151 10.10 19.14 -4.43
CA THR C 151 11.16 20.11 -4.36
C THR C 151 11.32 20.80 -3.01
N GLU C 152 10.43 20.52 -2.06
CA GLU C 152 10.39 21.28 -0.82
C GLU C 152 11.71 21.28 -0.06
N ILE C 153 12.42 20.15 -0.07
CA ILE C 153 13.69 20.05 0.65
C ILE C 153 14.78 20.98 0.07
N LEU C 154 14.65 21.41 -1.20
CA LEU C 154 15.57 22.36 -1.79
C LEU C 154 15.45 23.77 -1.15
N ALA C 155 14.35 24.04 -0.44
CA ALA C 155 14.17 25.26 0.32
C ALA C 155 14.35 24.99 1.80
N GLY C 156 14.86 23.82 2.15
CA GLY C 156 15.03 23.48 3.55
C GLY C 156 13.75 23.05 4.25
N LEU C 157 12.70 22.76 3.48
CA LEU C 157 11.42 22.41 4.05
C LEU C 157 11.02 20.96 3.68
N ILE C 158 9.79 20.55 3.95
CA ILE C 158 9.33 19.20 3.59
C ILE C 158 7.99 19.35 2.92
N PRO C 159 7.55 18.33 2.18
CA PRO C 159 6.25 18.48 1.53
C PRO C 159 5.13 18.54 2.58
N GLY C 160 4.16 19.40 2.35
CA GLY C 160 2.99 19.46 3.18
C GLY C 160 1.79 18.93 2.45
N GLY C 161 0.62 19.21 2.99
CA GLY C 161 -0.63 18.76 2.40
C GLY C 161 -0.86 17.26 2.27
N GLY C 162 -0.16 16.47 3.07
CA GLY C 162 -0.24 15.02 2.94
C GLY C 162 0.48 14.47 1.74
N GLY C 163 1.33 15.29 1.11
CA GLY C 163 2.08 14.90 -0.06
C GLY C 163 2.88 13.64 0.17
N MET C 164 3.62 13.57 1.28
CA MET C 164 4.48 12.45 1.52
C MET C 164 3.70 11.14 1.62
N GLY C 165 2.56 11.16 2.32
CA GLY C 165 1.61 10.03 2.33
C GLY C 165 1.10 9.62 0.95
N ARG C 166 0.65 10.58 0.14
CA ARG C 166 0.10 10.27 -1.18
C ARG C 166 1.18 9.75 -2.08
N LEU C 167 2.37 10.33 -1.99
CA LEU C 167 3.50 9.84 -2.77
C LEU C 167 3.83 8.42 -2.33
N THR C 168 3.97 8.21 -1.01
CA THR C 168 4.41 6.92 -0.47
C THR C 168 3.47 5.78 -0.84
N ARG C 169 2.16 6.02 -0.79
CA ARG C 169 1.20 4.97 -1.12
C ARG C 169 1.23 4.58 -2.60
N VAL C 170 1.66 5.48 -3.48
CA VAL C 170 1.80 5.11 -4.88
C VAL C 170 3.14 4.41 -5.14
N VAL C 171 4.24 5.01 -4.71
CA VAL C 171 5.56 4.51 -5.09
C VAL C 171 6.30 3.69 -4.05
N GLY C 172 5.78 3.56 -2.83
CA GLY C 172 6.54 2.85 -1.76
C GLY C 172 7.59 3.71 -1.05
N SER C 173 7.99 3.28 0.15
CA SER C 173 8.84 4.06 1.02
C SER C 173 10.15 4.40 0.42
N SER C 174 10.79 3.41 -0.18
CA SER C 174 12.16 3.57 -0.59
C SER C 174 12.26 4.64 -1.72
N ARG C 175 11.37 4.55 -2.68
CA ARG C 175 11.28 5.55 -3.73
C ARG C 175 10.78 6.89 -3.21
N ALA C 176 9.84 6.88 -2.27
CA ALA C 176 9.31 8.14 -1.73
C ALA C 176 10.45 8.89 -1.07
N LYS C 177 11.28 8.18 -0.31
CA LYS C 177 12.41 8.79 0.35
C LYS C 177 13.44 9.33 -0.64
N GLU C 178 13.73 8.56 -1.67
CA GLU C 178 14.72 8.99 -2.65
C GLU C 178 14.27 10.30 -3.29
N LEU C 179 12.99 10.40 -3.63
CA LEU C 179 12.46 11.60 -4.29
C LEU C 179 12.40 12.79 -3.34
N VAL C 180 11.94 12.57 -2.12
CA VAL C 180 11.71 13.66 -1.15
C VAL C 180 13.03 14.10 -0.52
N PHE C 181 13.93 13.16 -0.22
CA PHE C 181 15.22 13.56 0.32
C PHE C 181 16.09 14.33 -0.69
N SER C 182 15.99 13.98 -1.97
CA SER C 182 16.84 14.58 -3.03
C SER C 182 16.25 15.83 -3.62
N GLY C 183 14.92 15.88 -3.71
CA GLY C 183 14.25 16.96 -4.37
C GLY C 183 14.51 16.99 -5.86
N ARG C 184 14.94 15.87 -6.44
CA ARG C 184 15.29 15.87 -7.85
C ARG C 184 14.09 15.93 -8.77
N PHE C 185 14.36 16.39 -9.98
CA PHE C 185 13.34 16.45 -11.02
C PHE C 185 13.29 15.10 -11.68
N PHE C 186 12.10 14.64 -12.03
CA PHE C 186 11.93 13.43 -12.83
C PHE C 186 11.00 13.71 -13.98
N ASP C 187 11.26 13.05 -15.13
CA ASP C 187 10.47 13.30 -16.34
C ASP C 187 9.15 12.50 -16.34
N ALA C 188 8.30 12.81 -17.31
CA ALA C 188 6.99 12.20 -17.41
C ALA C 188 7.08 10.72 -17.70
N GLU C 189 8.13 10.29 -18.39
CA GLU C 189 8.33 8.86 -18.62
C GLU C 189 8.57 8.11 -17.29
N GLU C 190 9.41 8.66 -16.42
CA GLU C 190 9.58 8.08 -15.12
C GLU C 190 8.28 8.17 -14.29
N ALA C 191 7.57 9.30 -14.34
CA ALA C 191 6.30 9.43 -13.61
C ALA C 191 5.33 8.33 -14.02
N LEU C 192 5.24 8.09 -15.32
CA LEU C 192 4.35 7.07 -15.87
C LEU C 192 4.77 5.70 -15.36
N ALA C 193 6.06 5.40 -15.39
CA ALA C 193 6.56 4.09 -14.94
C ALA C 193 6.34 3.92 -13.45
N LEU C 194 6.35 5.02 -12.69
CA LEU C 194 6.13 4.93 -11.24
C LEU C 194 4.66 4.85 -10.84
N GLY C 195 3.76 5.06 -11.80
CA GLY C 195 2.32 5.12 -11.51
C GLY C 195 1.85 6.47 -11.03
N LEU C 196 2.68 7.50 -11.10
CA LEU C 196 2.31 8.82 -10.58
C LEU C 196 1.45 9.61 -11.57
N ILE C 197 1.52 9.26 -12.87
CA ILE C 197 0.58 9.77 -13.86
C ILE C 197 -0.02 8.56 -14.57
N ASP C 198 -1.13 8.76 -15.27
CA ASP C 198 -1.88 7.67 -15.85
C ASP C 198 -1.76 7.66 -17.36
N ASP C 199 -1.43 8.80 -17.96
CA ASP C 199 -1.23 8.86 -19.38
C ASP C 199 -0.32 10.03 -19.74
N MET C 200 0.44 9.86 -20.82
CA MET C 200 1.40 10.84 -21.27
C MET C 200 1.12 11.16 -22.74
N VAL C 201 0.96 12.44 -23.09
CA VAL C 201 0.61 12.85 -24.44
C VAL C 201 1.44 14.07 -24.83
N ALA C 202 1.30 14.51 -26.07
CA ALA C 202 2.05 15.69 -26.53
C ALA C 202 1.57 16.95 -25.82
N PRO C 203 2.49 17.89 -25.60
CA PRO C 203 2.17 19.08 -24.80
C PRO C 203 0.90 19.80 -25.23
N ASP C 204 0.65 19.87 -26.53
CA ASP C 204 -0.47 20.62 -27.09
C ASP C 204 -1.79 19.86 -26.94
N ASP C 205 -1.71 18.58 -26.58
CA ASP C 205 -2.90 17.74 -26.45
C ASP C 205 -3.31 17.45 -24.99
N VAL C 206 -2.61 18.01 -24.01
CA VAL C 206 -2.83 17.63 -22.61
C VAL C 206 -4.23 17.99 -22.18
N TYR C 207 -4.59 19.26 -22.35
CA TYR C 207 -5.89 19.70 -21.93
C TYR C 207 -6.99 18.93 -22.66
N ASP C 208 -6.90 18.83 -23.99
CA ASP C 208 -7.92 18.11 -24.76
C ASP C 208 -8.06 16.64 -24.33
N SER C 209 -6.95 15.95 -24.07
CA SER C 209 -7.00 14.56 -23.60
C SER C 209 -7.63 14.45 -22.20
N ALA C 210 -7.31 15.40 -21.32
CA ALA C 210 -7.91 15.49 -19.98
C ALA C 210 -9.41 15.64 -20.12
N VAL C 211 -9.83 16.55 -20.99
CA VAL C 211 -11.26 16.74 -21.22
C VAL C 211 -11.91 15.42 -21.70
N ALA C 212 -11.26 14.71 -22.63
CA ALA C 212 -11.80 13.42 -23.15
C ALA C 212 -11.92 12.32 -22.07
N TRP C 213 -10.93 12.24 -21.18
CA TRP C 213 -10.98 11.28 -20.03
C TRP C 213 -12.10 11.65 -19.09
N ALA C 214 -12.25 12.95 -18.79
CA ALA C 214 -13.34 13.43 -17.94
C ALA C 214 -14.72 13.17 -18.58
N ARG C 215 -14.86 13.42 -19.89
CA ARG C 215 -16.15 13.20 -20.57
C ARG C 215 -16.57 11.72 -20.55
N ARG C 216 -15.61 10.78 -20.46
CA ARG C 216 -15.95 9.36 -20.38
C ARG C 216 -16.92 9.01 -19.22
N TYR C 217 -16.98 9.83 -18.16
CA TYR C 217 -17.80 9.52 -16.97
C TYR C 217 -19.06 10.36 -16.85
N LEU C 218 -19.29 11.29 -17.78
CA LEU C 218 -20.45 12.17 -17.67
C LEU C 218 -21.81 11.42 -17.67
N GLU C 219 -21.82 10.19 -18.18
CA GLU C 219 -23.07 9.44 -18.28
C GLU C 219 -23.20 8.33 -17.24
N CYS C 220 -22.35 8.38 -16.22
CA CYS C 220 -22.43 7.45 -15.11
C CYS C 220 -23.41 7.92 -14.07
N PRO C 221 -23.95 6.98 -13.27
CA PRO C 221 -24.88 7.38 -12.22
C PRO C 221 -24.14 8.19 -11.17
N PRO C 222 -24.49 9.48 -11.03
CA PRO C 222 -23.66 10.35 -10.21
C PRO C 222 -23.63 10.03 -8.71
N ARG C 223 -24.72 9.56 -8.14
CA ARG C 223 -24.70 9.25 -6.72
C ARG C 223 -23.84 8.00 -6.46
N ALA C 224 -23.85 7.02 -7.36
CA ALA C 224 -23.05 5.85 -7.18
C ALA C 224 -21.57 6.21 -7.33
N LEU C 225 -21.20 7.02 -8.34
CA LEU C 225 -19.83 7.43 -8.51
C LEU C 225 -19.32 8.10 -7.23
N ALA C 226 -20.12 9.03 -6.73
CA ALA C 226 -19.77 9.78 -5.53
C ALA C 226 -19.49 8.82 -4.36
N ALA C 227 -20.38 7.83 -4.15
CA ALA C 227 -20.21 6.88 -3.04
C ALA C 227 -18.96 6.02 -3.26
N ALA C 228 -18.74 5.59 -4.49
CA ALA C 228 -17.58 4.74 -4.82
C ALA C 228 -16.27 5.51 -4.54
N LYS C 229 -16.22 6.75 -5.03
CA LYS C 229 -15.07 7.63 -4.80
C LYS C 229 -14.84 7.80 -3.29
N ALA C 230 -15.91 8.05 -2.56
CA ALA C 230 -15.79 8.28 -1.12
C ALA C 230 -15.20 7.04 -0.40
N VAL C 231 -15.71 5.85 -0.70
CA VAL C 231 -15.20 4.64 -0.08
C VAL C 231 -13.75 4.37 -0.48
N ILE C 232 -13.40 4.54 -1.74
CA ILE C 232 -12.03 4.31 -2.14
C ILE C 232 -11.11 5.27 -1.42
N ASN C 233 -11.48 6.54 -1.32
CA ASN C 233 -10.62 7.50 -0.63
C ASN C 233 -10.49 7.21 0.85
N ASP C 234 -11.50 6.59 1.45
CA ASP C 234 -11.49 6.32 2.87
C ASP C 234 -10.57 5.14 3.21
N VAL C 235 -10.12 4.40 2.21
CA VAL C 235 -9.33 3.19 2.46
C VAL C 235 -8.14 3.51 3.34
N PHE C 236 -7.50 4.64 3.14
CA PHE C 236 -6.33 4.95 3.94
C PHE C 236 -6.60 5.98 5.04
N GLU C 237 -7.85 6.44 5.10
CA GLU C 237 -8.25 7.53 6.00
C GLU C 237 -9.01 7.07 7.24
N LEU C 238 -9.72 5.93 7.21
CA LEU C 238 -10.56 5.50 8.33
C LEU C 238 -10.15 4.14 8.86
N GLU C 239 -10.34 3.92 10.17
CA GLU C 239 -10.12 2.59 10.79
C GLU C 239 -11.16 1.60 10.23
N ALA C 240 -10.85 0.31 10.28
CA ALA C 240 -11.60 -0.71 9.57
C ALA C 240 -13.10 -0.78 9.89
N THR C 241 -13.46 -0.55 11.15
CA THR C 241 -14.87 -0.63 11.52
C THR C 241 -15.67 0.51 10.93
N GLU C 242 -15.11 1.71 11.05
CA GLU C 242 -15.70 2.89 10.43
C GLU C 242 -15.80 2.71 8.91
N ARG C 243 -14.80 2.08 8.26
CA ARG C 243 -14.83 1.87 6.79
C ARG C 243 -15.98 0.96 6.37
N ALA C 244 -16.12 -0.16 7.05
CA ALA C 244 -17.19 -1.13 6.75
C ALA C 244 -18.59 -0.52 7.00
N ALA C 245 -18.73 0.21 8.09
CA ALA C 245 -20.00 0.87 8.39
C ALA C 245 -20.37 1.87 7.31
N ALA C 246 -19.42 2.71 6.92
CA ALA C 246 -19.70 3.75 5.93
C ALA C 246 -20.00 3.16 4.56
N GLU C 247 -19.33 2.07 4.22
CA GLU C 247 -19.57 1.42 2.92
C GLU C 247 -20.98 0.91 2.91
N ARG C 248 -21.39 0.26 4.00
CA ARG C 248 -22.74 -0.31 4.07
C ARG C 248 -23.79 0.78 4.04
N ARG C 249 -23.56 1.85 4.77
CA ARG C 249 -24.55 2.93 4.78
C ARG C 249 -24.73 3.49 3.38
N ARG C 250 -23.62 3.71 2.67
CA ARG C 250 -23.70 4.28 1.33
C ARG C 250 -24.39 3.30 0.40
N TYR C 251 -24.09 2.03 0.53
CA TYR C 251 -24.70 1.04 -0.33
C TYR C 251 -26.21 1.03 -0.14
N VAL C 252 -26.65 1.04 1.12
CA VAL C 252 -28.06 0.95 1.42
C VAL C 252 -28.83 2.22 0.98
N GLU C 253 -28.23 3.40 1.12
CA GLU C 253 -28.80 4.67 0.64
C GLU C 253 -29.00 4.62 -0.87
N LEU C 254 -28.00 4.16 -1.61
CA LEU C 254 -28.15 4.07 -3.06
C LEU C 254 -29.29 3.15 -3.40
N PHE C 255 -29.37 2.06 -2.68
CA PHE C 255 -30.37 1.03 -2.93
C PHE C 255 -31.79 1.54 -2.61
N ALA C 256 -31.95 2.20 -1.47
CA ALA C 256 -33.28 2.68 -1.06
C ALA C 256 -33.77 3.74 -2.07
N ALA C 257 -32.96 4.78 -2.26
CA ALA C 257 -33.26 5.86 -3.27
C ALA C 257 -33.79 5.32 -4.62
N GLY C 258 -33.15 4.29 -5.17
CA GLY C 258 -33.58 3.73 -6.46
C GLY C 258 -34.91 2.97 -6.46
N GLN C 259 -35.34 2.54 -5.27
CA GLN C 259 -36.61 1.85 -5.15
C GLN C 259 -37.69 2.93 -5.09
N ARG C 260 -37.38 4.02 -4.37
CA ARG C 260 -38.33 5.11 -4.15
C ARG C 260 -38.63 5.89 -5.46
N GLY C 261 -37.57 6.23 -6.20
CA GLY C 261 -37.69 7.07 -7.41
C GLY C 261 -36.50 8.03 -7.50
#